data_1HYA
# 
_entry.id   1HYA 
# 
_audit_conform.dict_name       mmcif_pdbx.dic 
_audit_conform.dict_version    5.386 
_audit_conform.dict_location   http://mmcif.pdb.org/dictionaries/ascii/mmcif_pdbx.dic 
# 
loop_
_database_2.database_id 
_database_2.database_code 
_database_2.pdbx_database_accession 
_database_2.pdbx_DOI 
PDB   1HYA         pdb_00001hya 10.2210/pdb1hya/pdb 
WWPDB D_1000174071 ?            ?                   
# 
loop_
_pdbx_audit_revision_history.ordinal 
_pdbx_audit_revision_history.data_content_type 
_pdbx_audit_revision_history.major_revision 
_pdbx_audit_revision_history.minor_revision 
_pdbx_audit_revision_history.revision_date 
1 'Structure model' 1 0 1978-05-17 
2 'Structure model' 1 1 2008-03-03 
3 'Structure model' 1 2 2011-07-13 
4 'Structure model' 1 3 2011-11-16 
5 'Structure model' 2 0 2020-07-29 
6 'Structure model' 2 1 2024-02-07 
# 
loop_
_pdbx_audit_revision_details.ordinal 
_pdbx_audit_revision_details.revision_ordinal 
_pdbx_audit_revision_details.data_content_type 
_pdbx_audit_revision_details.provider 
_pdbx_audit_revision_details.type 
_pdbx_audit_revision_details.description 
_pdbx_audit_revision_details.details 
1 1 'Structure model' repository 'Initial release' ?                          ? 
2 5 'Structure model' repository Remediation       'Carbohydrate remediation' ? 
# 
loop_
_pdbx_audit_revision_group.ordinal 
_pdbx_audit_revision_group.revision_ordinal 
_pdbx_audit_revision_group.data_content_type 
_pdbx_audit_revision_group.group 
1  2 'Structure model' 'Version format compliance' 
2  3 'Structure model' 'Non-polymer description'   
3  3 'Structure model' 'Version format compliance' 
4  4 'Structure model' 'Atomic model'              
5  5 'Structure model' Advisory                    
6  5 'Structure model' 'Atomic model'              
7  5 'Structure model' 'Data collection'           
8  5 'Structure model' 'Database references'       
9  5 'Structure model' 'Derived calculations'      
10 5 'Structure model' Other                       
11 5 'Structure model' 'Structure summary'         
12 6 'Structure model' 'Data collection'           
13 6 'Structure model' 'Database references'       
14 6 'Structure model' 'Structure summary'         
# 
loop_
_pdbx_audit_revision_category.ordinal 
_pdbx_audit_revision_category.revision_ordinal 
_pdbx_audit_revision_category.data_content_type 
_pdbx_audit_revision_category.category 
1  5 'Structure model' atom_site                     
2  5 'Structure model' chem_comp                     
3  5 'Structure model' database_PDB_caveat           
4  5 'Structure model' entity                        
5  5 'Structure model' pdbx_branch_scheme            
6  5 'Structure model' pdbx_chem_comp_identifier     
7  5 'Structure model' pdbx_database_status          
8  5 'Structure model' pdbx_entity_branch            
9  5 'Structure model' pdbx_entity_branch_descriptor 
10 5 'Structure model' pdbx_entity_branch_link       
11 5 'Structure model' pdbx_entity_branch_list       
12 5 'Structure model' pdbx_entity_nonpoly           
13 5 'Structure model' pdbx_nonpoly_scheme           
14 5 'Structure model' pdbx_struct_assembly          
15 5 'Structure model' pdbx_struct_oper_list         
16 5 'Structure model' pdbx_struct_special_symmetry  
17 5 'Structure model' struct_asym                   
18 5 'Structure model' struct_conn                   
19 5 'Structure model' struct_ref                    
20 5 'Structure model' struct_ref_seq                
21 5 'Structure model' struct_site                   
22 5 'Structure model' struct_site_gen               
23 6 'Structure model' chem_comp                     
24 6 'Structure model' chem_comp_atom                
25 6 'Structure model' chem_comp_bond                
26 6 'Structure model' database_2                    
# 
loop_
_pdbx_audit_revision_item.ordinal 
_pdbx_audit_revision_item.revision_ordinal 
_pdbx_audit_revision_item.data_content_type 
_pdbx_audit_revision_item.item 
1  5 'Structure model' '_atom_site.label_asym_id'                    
2  5 'Structure model' '_atom_site.label_entity_id'                  
3  5 'Structure model' '_chem_comp.name'                             
4  5 'Structure model' '_chem_comp.type'                             
5  5 'Structure model' '_pdbx_database_status.process_site'          
6  5 'Structure model' '_pdbx_struct_special_symmetry.label_asym_id' 
7  5 'Structure model' '_struct_conn.pdbx_leaving_atom_flag'         
8  5 'Structure model' '_struct_conn.ptnr1_label_asym_id'            
9  5 'Structure model' '_struct_conn.ptnr2_label_asym_id'            
10 6 'Structure model' '_chem_comp.pdbx_synonyms'                    
11 6 'Structure model' '_database_2.pdbx_DOI'                        
12 6 'Structure model' '_database_2.pdbx_database_accession'         
# 
loop_
_database_PDB_caveat.id 
_database_PDB_caveat.text 
1 'GCU A 3 HAS WRONG CHIRALITY AT ATOM C1' 
2 'GCU A 5 HAS WRONG CHIRALITY AT ATOM C1' 
# 
_pdbx_database_status.status_code                     REL 
_pdbx_database_status.entry_id                        1HYA 
_pdbx_database_status.recvd_initial_deposition_date   1977-11-20 
_pdbx_database_status.deposit_site                    ? 
_pdbx_database_status.process_site                    BNL 
_pdbx_database_status.SG_entry                        . 
_pdbx_database_status.pdb_format_compatible           Y 
_pdbx_database_status.status_code_mr                  ? 
_pdbx_database_status.status_code_sf                  ? 
_pdbx_database_status.status_code_cs                  ? 
_pdbx_database_status.status_code_nmr_data            ? 
_pdbx_database_status.methods_development_category    ? 
# 
_audit_author.name           'Arnott, S.' 
_audit_author.pdbx_ordinal   1 
# 
loop_
_citation.id 
_citation.title 
_citation.journal_abbrev 
_citation.journal_volume 
_citation.page_first 
_citation.page_last 
_citation.year 
_citation.journal_id_ASTM 
_citation.country 
_citation.journal_id_ISSN 
_citation.journal_id_CSD 
_citation.book_publisher 
_citation.pdbx_database_id_PubMed 
_citation.pdbx_database_id_DOI 
primary 
;Hyaluronic acid: structure of a fully extended 3-fold helical sodium salt and comparison with the less extended 4-fold helical forms.
;
J.Mol.Biol.                99 219 235 1975 JMOBAK UK 0022-2836 0070 ? 1206703 '10.1016/S0022-2836(75)80142-2' 
1       
;Lals, a Linked-Atom Least-Squares Reciprocal-Space Refinement System Incorporating Stereochemical Restraints to Supplement Sparse Diffraction Data
;
'Acta Crystallogr.,Sect.A' 34 3   ?   1978 ACACEQ DK 0108-7673 0621 ? ?       ?                               
2       'Hyaluronic Acid, Molecular Conformations and Interactions in Two Sodium Salts' J.Mol.Biol.                95 359 ?   1975 
JMOBAK UK 0022-2836 0070 ? ?       ?                               
# 
loop_
_citation_author.citation_id 
_citation_author.name 
_citation_author.ordinal 
_citation_author.identifier_ORCID 
primary 'Winter, W.T.'   1  ? 
primary 'Smith, P.J.'    2  ? 
primary 'Arnott, S.'     3  ? 
1       'Smith, P.J.C.'  4  ? 
1       'Arnott, S.'     5  ? 
2       'Guss, J.M.'     6  ? 
2       'Hukins, D.W.L.' 7  ? 
2       'Smith, P.J.C.'  8  ? 
2       'Winter, W.T.'   9  ? 
2       'Arnott, S.'     10 ? 
2       'Moorhouse, R.'  11 ? 
2       'Rees, D.A.'     12 ? 
# 
loop_
_entity.id 
_entity.type 
_entity.src_method 
_entity.pdbx_description 
_entity.formula_weight 
_entity.pdbx_number_of_molecules 
_entity.pdbx_ec 
_entity.pdbx_mutation 
_entity.pdbx_fragment 
_entity.details 
1 branched    man 
;2-acetamido-2-deoxy-beta-D-glucopyranose-(1-4)-alpha-D-glucopyranuronic acid-(1-3)-2-acetamido-2-deoxy-beta-D-glucopyranose-(1-4)-alpha-D-glucopyranuronic acid-(1-3)-2-acetamido-2-deoxy-beta-D-glucopyranose-(1-4)-alpha-D-glucopyranuronic acid
;
1155.965 1  ? ? ? ? 
2 non-polymer syn 'SODIUM ION' 22.990   3  ? ? ? ? 
3 water       nat water 18.015   12 ? ? ? ? 
# 
loop_
_pdbx_entity_nonpoly.entity_id 
_pdbx_entity_nonpoly.name 
_pdbx_entity_nonpoly.comp_id 
2 'SODIUM ION' NA  
3 water        HOH 
# 
_pdbx_entity_branch.entity_id   1 
_pdbx_entity_branch.type        oligosaccharide 
# 
loop_
_pdbx_entity_branch_descriptor.ordinal 
_pdbx_entity_branch_descriptor.entity_id 
_pdbx_entity_branch_descriptor.descriptor 
_pdbx_entity_branch_descriptor.type 
_pdbx_entity_branch_descriptor.program 
_pdbx_entity_branch_descriptor.program_version 
1 1 DGlcpNAcb1-4DGlcpAa1-3DGlcpNAcb1-4DGlcpAa1-3DGlcpNAcb1-4DGlcpAa1-ROH 'Glycam Condensed Sequence' GMML       1.0   
2 1 'WURCS=2.0/2,6,5/[a2122A-1a_1-5][a2122h-1b_1-5_2*NCC/3=O]/1-2-1-2-1-2/a4-b1_b3-c1_c4-d1_d3-e1_e4-f1' WURCS PDB2Glycan 1.1.0 
3 1 
'[][D-1-deoxy-GlcpA]{[(4+1)][b-D-GlcpNAc]{[(3+1)][b-D-GlcpA]{[(4+1)][b-D-GlcpNAc]{[(3+1)][b-D-GlcpA]{[(4+1)][b-D-GlcpNAc]{}}}}}}' 
LINUCS                      PDB-CARE   ?     
# 
loop_
_pdbx_entity_branch_link.link_id 
_pdbx_entity_branch_link.entity_id 
_pdbx_entity_branch_link.entity_branch_list_num_1 
_pdbx_entity_branch_link.comp_id_1 
_pdbx_entity_branch_link.atom_id_1 
_pdbx_entity_branch_link.leaving_atom_id_1 
_pdbx_entity_branch_link.entity_branch_list_num_2 
_pdbx_entity_branch_link.comp_id_2 
_pdbx_entity_branch_link.atom_id_2 
_pdbx_entity_branch_link.leaving_atom_id_2 
_pdbx_entity_branch_link.value_order 
_pdbx_entity_branch_link.details 
1 1 2 NAG C1 O1 1 GCU O4 HO4 sing ? 
2 1 3 GCU C1 O1 2 NAG O3 HO3 sing ? 
3 1 4 NAG C1 O1 3 GCU O4 HO4 sing ? 
4 1 5 GCU C1 O1 4 NAG O3 HO3 sing ? 
5 1 6 NAG C1 O1 5 GCU O4 HO4 sing ? 
# 
loop_
_chem_comp.id 
_chem_comp.type 
_chem_comp.mon_nstd_flag 
_chem_comp.name 
_chem_comp.pdbx_synonyms 
_chem_comp.formula 
_chem_comp.formula_weight 
GCU 'D-saccharide, alpha linking' . 'alpha-D-glucopyranuronic acid'          
'alpha-D-glucuronic acid; D-glucuronic acid; glucuronic acid' 'C6 H10 O7'   194.139 
HOH non-polymer                   . WATER                                    ? 'H2 O'        18.015  
NA  non-polymer                   . 'SODIUM ION'                             ? 'Na 1'        22.990  
NAG 'D-saccharide, beta linking'  . 2-acetamido-2-deoxy-beta-D-glucopyranose 
;N-acetyl-beta-D-glucosamine; 2-acetamido-2-deoxy-beta-D-glucose; 2-acetamido-2-deoxy-D-glucose; 2-acetamido-2-deoxy-glucose; N-ACETYL-D-GLUCOSAMINE
;
'C8 H15 N O6' 221.208 
# 
loop_
_pdbx_chem_comp_identifier.comp_id 
_pdbx_chem_comp_identifier.type 
_pdbx_chem_comp_identifier.program 
_pdbx_chem_comp_identifier.program_version 
_pdbx_chem_comp_identifier.identifier 
GCU 'CONDENSED IUPAC CARBOHYDRATE SYMBOL' GMML     1.0 DGlcpAa                        
GCU 'COMMON NAME'                         GMML     1.0 'a-D-glucopyranuronic acid'    
GCU 'IUPAC CARBOHYDRATE SYMBOL'           PDB-CARE 1.0 a-D-GlcpA                      
GCU 'SNFG CARBOHYDRATE SYMBOL'            GMML     1.0 GlcA                           
NAG 'CONDENSED IUPAC CARBOHYDRATE SYMBOL' GMML     1.0 DGlcpNAcb                      
NAG 'COMMON NAME'                         GMML     1.0 N-acetyl-b-D-glucopyranosamine 
NAG 'IUPAC CARBOHYDRATE SYMBOL'           PDB-CARE 1.0 b-D-GlcpNAc                    
NAG 'SNFG CARBOHYDRATE SYMBOL'            GMML     1.0 GlcNAc                         
# 
loop_
_pdbx_branch_scheme.asym_id 
_pdbx_branch_scheme.entity_id 
_pdbx_branch_scheme.mon_id 
_pdbx_branch_scheme.num 
_pdbx_branch_scheme.pdb_asym_id 
_pdbx_branch_scheme.pdb_mon_id 
_pdbx_branch_scheme.pdb_seq_num 
_pdbx_branch_scheme.auth_asym_id 
_pdbx_branch_scheme.auth_mon_id 
_pdbx_branch_scheme.auth_seq_num 
_pdbx_branch_scheme.hetero 
A 1 GCU 1 A GCU 1 ? GCU 1 n 
A 1 NAG 2 A NAG 2 ? NAG 2 n 
A 1 GCU 3 A GCU 3 ? GCU 3 n 
A 1 NAG 4 A NAG 4 ? NAG 4 n 
A 1 GCU 5 A GCU 5 ? GCU 5 n 
A 1 NAG 6 A NAG 6 ? NAG 6 n 
# 
loop_
_pdbx_nonpoly_scheme.asym_id 
_pdbx_nonpoly_scheme.entity_id 
_pdbx_nonpoly_scheme.mon_id 
_pdbx_nonpoly_scheme.ndb_seq_num 
_pdbx_nonpoly_scheme.pdb_seq_num 
_pdbx_nonpoly_scheme.auth_seq_num 
_pdbx_nonpoly_scheme.pdb_mon_id 
_pdbx_nonpoly_scheme.auth_mon_id 
_pdbx_nonpoly_scheme.pdb_strand_id 
_pdbx_nonpoly_scheme.pdb_ins_code 
B 2 NA  1  771  1  NA  NA  A . 
C 2 NA  1  772  2  NA  NA  A . 
D 2 NA  1  773  3  NA  NA  A . 
E 3 HOH 1  991  1  HOH HOH A . 
E 3 HOH 2  992  2  HOH HOH A . 
E 3 HOH 3  993  3  HOH HOH A . 
E 3 HOH 4  994  4  HOH HOH A . 
E 3 HOH 5  995  5  HOH HOH A . 
E 3 HOH 6  996  6  HOH HOH A . 
E 3 HOH 7  997  7  HOH HOH A . 
E 3 HOH 8  998  8  HOH HOH A . 
E 3 HOH 9  999  9  HOH HOH A . 
E 3 HOH 10 1000 10 HOH HOH A . 
E 3 HOH 11 1001 11 HOH HOH A . 
E 3 HOH 12 1002 12 HOH HOH A . 
# 
_pdbx_unobs_or_zero_occ_atoms.id               1 
_pdbx_unobs_or_zero_occ_atoms.PDB_model_num    1 
_pdbx_unobs_or_zero_occ_atoms.polymer_flag     N 
_pdbx_unobs_or_zero_occ_atoms.occupancy_flag   1 
_pdbx_unobs_or_zero_occ_atoms.auth_asym_id     A 
_pdbx_unobs_or_zero_occ_atoms.auth_comp_id     GCU 
_pdbx_unobs_or_zero_occ_atoms.auth_seq_id      1 
_pdbx_unobs_or_zero_occ_atoms.PDB_ins_code     ? 
_pdbx_unobs_or_zero_occ_atoms.auth_atom_id     O1 
_pdbx_unobs_or_zero_occ_atoms.label_alt_id     ? 
_pdbx_unobs_or_zero_occ_atoms.label_asym_id    A 
_pdbx_unobs_or_zero_occ_atoms.label_comp_id    GCU 
_pdbx_unobs_or_zero_occ_atoms.label_seq_id     1 
_pdbx_unobs_or_zero_occ_atoms.label_atom_id    O1 
# 
loop_
_software.name 
_software.classification 
_software.version 
_software.citation_id 
_software.pdbx_ordinal 
LINKED-ATOM refinement 'LEAST-SQUARES MODEL-BUILDING PROCEDURE' ? 1 
LALS        refinement .                                        ? 2 
# 
_cell.entry_id           1HYA 
_cell.length_a           11.700 
_cell.length_b           11.700 
_cell.length_c           28.500 
_cell.angle_alpha        90.00 
_cell.angle_beta         90.00 
_cell.angle_gamma        120.00 
_cell.Z_PDB              6 
_cell.pdbx_unique_axis   ? 
# 
_symmetry.entry_id                         1HYA 
_symmetry.space_group_name_H-M             'P 32 2 1' 
_symmetry.pdbx_full_space_group_name_H-M   ? 
_symmetry.cell_setting                     ? 
_symmetry.Int_Tables_number                154 
# 
_exptl.entry_id          1HYA 
_exptl.method            'X-RAY DIFFRACTION' 
_exptl.crystals_number   ? 
# 
_exptl_crystal.id                    1 
_exptl_crystal.density_meas          ? 
_exptl_crystal.density_Matthews      ? 
_exptl_crystal.density_percent_sol   ? 
_exptl_crystal.description           ? 
# 
_diffrn.id                     1 
_diffrn.crystal_id             1 
_diffrn.ambient_temp           ? 
_diffrn.ambient_temp_details   ? 
# 
_refine.entry_id                                 1HYA 
_refine.ls_number_reflns_obs                     ? 
_refine.ls_number_reflns_all                     ? 
_refine.pdbx_ls_sigma_I                          ? 
_refine.pdbx_ls_sigma_F                          ? 
_refine.pdbx_data_cutoff_high_absF               ? 
_refine.pdbx_data_cutoff_low_absF                ? 
_refine.pdbx_data_cutoff_high_rms_absF           ? 
_refine.ls_d_res_low                             . 
_refine.ls_d_res_high                            3.0 
_refine.ls_percent_reflns_obs                    ? 
_refine.ls_R_factor_obs                          ? 
_refine.ls_R_factor_all                          ? 
_refine.ls_R_factor_R_work                       ? 
_refine.ls_R_factor_R_free                       ? 
_refine.ls_R_factor_R_free_error                 ? 
_refine.ls_R_factor_R_free_error_details         ? 
_refine.ls_percent_reflns_R_free                 ? 
_refine.ls_number_reflns_R_free                  ? 
_refine.ls_number_parameters                     ? 
_refine.ls_number_restraints                     ? 
_refine.occupancy_min                            ? 
_refine.occupancy_max                            ? 
_refine.B_iso_mean                               ? 
_refine.aniso_B[1][1]                            ? 
_refine.aniso_B[2][2]                            ? 
_refine.aniso_B[3][3]                            ? 
_refine.aniso_B[1][2]                            ? 
_refine.aniso_B[1][3]                            ? 
_refine.aniso_B[2][3]                            ? 
_refine.solvent_model_details                    ? 
_refine.solvent_model_param_ksol                 ? 
_refine.solvent_model_param_bsol                 ? 
_refine.pdbx_ls_cross_valid_method               ? 
_refine.details                                  ? 
_refine.pdbx_starting_model                      ? 
_refine.pdbx_method_to_determine_struct          ? 
_refine.pdbx_isotropic_thermal_model             ? 
_refine.pdbx_stereochemistry_target_values       ? 
_refine.pdbx_stereochem_target_val_spec_case     ? 
_refine.pdbx_R_Free_selection_details            ? 
_refine.pdbx_overall_ESU_R                       ? 
_refine.pdbx_overall_ESU_R_Free                  ? 
_refine.overall_SU_ML                            ? 
_refine.overall_SU_B                             ? 
_refine.pdbx_refine_id                           'X-RAY DIFFRACTION' 
_refine.pdbx_diffrn_id                           1 
_refine.pdbx_TLS_residual_ADP_flag               ? 
_refine.correlation_coeff_Fo_to_Fc               ? 
_refine.correlation_coeff_Fo_to_Fc_free          ? 
_refine.pdbx_solvent_vdw_probe_radii             ? 
_refine.pdbx_solvent_ion_probe_radii             ? 
_refine.pdbx_solvent_shrinkage_radii             ? 
_refine.pdbx_overall_phase_error                 ? 
_refine.overall_SU_R_Cruickshank_DPI             ? 
_refine.pdbx_overall_SU_R_free_Cruickshank_DPI   ? 
_refine.pdbx_overall_SU_R_Blow_DPI               ? 
_refine.pdbx_overall_SU_R_free_Blow_DPI          ? 
# 
_refine_hist.pdbx_refine_id                   'X-RAY DIFFRACTION' 
_refine_hist.cycle_id                         LAST 
_refine_hist.pdbx_number_atoms_protein        0 
_refine_hist.pdbx_number_atoms_nucleic_acid   0 
_refine_hist.pdbx_number_atoms_ligand         81 
_refine_hist.number_atoms_solvent             12 
_refine_hist.number_atoms_total               93 
_refine_hist.d_res_high                       3.0 
_refine_hist.d_res_low                        . 
# 
_struct.entry_id                  1HYA 
_struct.title                     
;HYALURONIC ACID, STRUCTURE OF A FULLY EXTENDED 3-FOLD HELICAL SODIUM SALT AND COMPARISON WITH THE LESS EXTENDED 4-FOLD HELICAL FORMS
;
_struct.pdbx_model_details        ? 
_struct.pdbx_CASP_flag            ? 
_struct.pdbx_model_type_details   ? 
# 
_struct_keywords.entry_id        1HYA 
_struct_keywords.pdbx_keywords   'TEXTURE OF CONNECTIVE TISSUE' 
_struct_keywords.text            'TEXTURE OF CONNECTIVE TISSUE' 
# 
loop_
_struct_asym.id 
_struct_asym.pdbx_blank_PDB_chainid_flag 
_struct_asym.pdbx_modified 
_struct_asym.entity_id 
_struct_asym.details 
A N N 1 ? 
B N N 2 ? 
C N N 2 ? 
D N N 2 ? 
E N N 3 ? 
# 
_pdbx_struct_assembly.id                   1 
_pdbx_struct_assembly.details              author_defined_assembly 
_pdbx_struct_assembly.method_details       ? 
_pdbx_struct_assembly.oligomeric_details   ? 
_pdbx_struct_assembly.oligomeric_count     ? 
# 
_pdbx_struct_assembly_gen.assembly_id       1 
_pdbx_struct_assembly_gen.oper_expression   1 
_pdbx_struct_assembly_gen.asym_id_list      A,B,C,D,E 
# 
_pdbx_struct_oper_list.id                   1 
_pdbx_struct_oper_list.type                 'identity operation' 
_pdbx_struct_oper_list.name                 1_555 
_pdbx_struct_oper_list.symmetry_operation   x,y,z 
_pdbx_struct_oper_list.matrix[1][1]         1.0000000000 
_pdbx_struct_oper_list.matrix[1][2]         0.0000000000 
_pdbx_struct_oper_list.matrix[1][3]         0.0000000000 
_pdbx_struct_oper_list.vector[1]            0.0000000000 
_pdbx_struct_oper_list.matrix[2][1]         0.0000000000 
_pdbx_struct_oper_list.matrix[2][2]         1.0000000000 
_pdbx_struct_oper_list.matrix[2][3]         0.0000000000 
_pdbx_struct_oper_list.vector[2]            0.0000000000 
_pdbx_struct_oper_list.matrix[3][1]         0.0000000000 
_pdbx_struct_oper_list.matrix[3][2]         0.0000000000 
_pdbx_struct_oper_list.matrix[3][3]         1.0000000000 
_pdbx_struct_oper_list.vector[3]            0.0000000000 
# 
_struct_biol.id                    1 
_struct_biol.details               
;THE SIX-RESIDUE CHAIN SEGMENT GIVEN HERE WAS GENERATED FROM
THE PUBLISHED TWO-RESIDUE SEGMENT BY APPLICATION OF THE
THREE-FOLD SCREW AXIS LOCATED AT (2/3, 1/3, Z).
THE EQUIPOINTS (IN FRACTIONAL COORDINATES) WHICH WERE USED
ARE (X, Y, Z),  (Y-X+1, -X+1, Z+1/3),  (-Y+1, X-Y, Z+2/3) .
;
_struct_biol.pdbx_parent_biol_id   ? 
# 
loop_
_struct_conn.id 
_struct_conn.conn_type_id 
_struct_conn.pdbx_leaving_atom_flag 
_struct_conn.pdbx_PDB_id 
_struct_conn.ptnr1_label_asym_id 
_struct_conn.ptnr1_label_comp_id 
_struct_conn.ptnr1_label_seq_id 
_struct_conn.ptnr1_label_atom_id 
_struct_conn.pdbx_ptnr1_label_alt_id 
_struct_conn.pdbx_ptnr1_PDB_ins_code 
_struct_conn.pdbx_ptnr1_standard_comp_id 
_struct_conn.ptnr1_symmetry 
_struct_conn.ptnr2_label_asym_id 
_struct_conn.ptnr2_label_comp_id 
_struct_conn.ptnr2_label_seq_id 
_struct_conn.ptnr2_label_atom_id 
_struct_conn.pdbx_ptnr2_label_alt_id 
_struct_conn.pdbx_ptnr2_PDB_ins_code 
_struct_conn.ptnr1_auth_asym_id 
_struct_conn.ptnr1_auth_comp_id 
_struct_conn.ptnr1_auth_seq_id 
_struct_conn.ptnr2_auth_asym_id 
_struct_conn.ptnr2_auth_comp_id 
_struct_conn.ptnr2_auth_seq_id 
_struct_conn.ptnr2_symmetry 
_struct_conn.pdbx_ptnr3_label_atom_id 
_struct_conn.pdbx_ptnr3_label_seq_id 
_struct_conn.pdbx_ptnr3_label_comp_id 
_struct_conn.pdbx_ptnr3_label_asym_id 
_struct_conn.pdbx_ptnr3_label_alt_id 
_struct_conn.pdbx_ptnr3_PDB_ins_code 
_struct_conn.details 
_struct_conn.pdbx_dist_value 
_struct_conn.pdbx_value_order 
_struct_conn.pdbx_role 
covale1 covale both ? A GCU . O4 ? ? ? 1_555 A NAG . C1 ? ? A GCU 1 A NAG 2 1_555 ? ? ? ? ? ? ? 1.390 ? ? 
covale2 covale both ? A NAG . O3 ? ? ? 1_555 A GCU . C1 ? ? A NAG 2 A GCU 3 1_555 ? ? ? ? ? ? ? 1.390 ? ? 
covale3 covale both ? A GCU . O4 ? ? ? 1_555 A NAG . C1 ? ? A GCU 3 A NAG 4 1_555 ? ? ? ? ? ? ? 1.391 ? ? 
covale4 covale both ? A NAG . O3 ? ? ? 1_555 A GCU . C1 ? ? A NAG 4 A GCU 5 1_555 ? ? ? ? ? ? ? 1.390 ? ? 
covale5 covale both ? A GCU . O4 ? ? ? 1_555 A NAG . C1 ? ? A GCU 5 A NAG 6 1_555 ? ? ? ? ? ? ? 1.390 ? ? 
# 
_struct_conn_type.id          covale 
_struct_conn_type.criteria    ? 
_struct_conn_type.reference   ? 
# 
loop_
_pdbx_validate_close_contact.id 
_pdbx_validate_close_contact.PDB_model_num 
_pdbx_validate_close_contact.auth_atom_id_1 
_pdbx_validate_close_contact.auth_asym_id_1 
_pdbx_validate_close_contact.auth_comp_id_1 
_pdbx_validate_close_contact.auth_seq_id_1 
_pdbx_validate_close_contact.PDB_ins_code_1 
_pdbx_validate_close_contact.label_alt_id_1 
_pdbx_validate_close_contact.auth_atom_id_2 
_pdbx_validate_close_contact.auth_asym_id_2 
_pdbx_validate_close_contact.auth_comp_id_2 
_pdbx_validate_close_contact.auth_seq_id_2 
_pdbx_validate_close_contact.PDB_ins_code_2 
_pdbx_validate_close_contact.label_alt_id_2 
_pdbx_validate_close_contact.dist 
1 1 O A HOH 994 ? ? O A HOH 998  ? ? 0.00 
2 1 O A HOH 994 ? ? O A HOH 1002 ? ? 0.00 
3 1 O A HOH 998 ? ? O A HOH 1002 ? ? 0.00 
# 
loop_
_pdbx_validate_symm_contact.id 
_pdbx_validate_symm_contact.PDB_model_num 
_pdbx_validate_symm_contact.auth_atom_id_1 
_pdbx_validate_symm_contact.auth_asym_id_1 
_pdbx_validate_symm_contact.auth_comp_id_1 
_pdbx_validate_symm_contact.auth_seq_id_1 
_pdbx_validate_symm_contact.PDB_ins_code_1 
_pdbx_validate_symm_contact.label_alt_id_1 
_pdbx_validate_symm_contact.site_symmetry_1 
_pdbx_validate_symm_contact.auth_atom_id_2 
_pdbx_validate_symm_contact.auth_asym_id_2 
_pdbx_validate_symm_contact.auth_comp_id_2 
_pdbx_validate_symm_contact.auth_seq_id_2 
_pdbx_validate_symm_contact.PDB_ins_code_2 
_pdbx_validate_symm_contact.label_alt_id_2 
_pdbx_validate_symm_contact.site_symmetry_2 
_pdbx_validate_symm_contact.dist 
1   1 O4  A NAG 4   ? ? 1_555 O4  A NAG 6    ? ? 2_654 0.00 
2   1 C2  A NAG 4   ? ? 1_555 C2  A NAG 6    ? ? 2_654 0.00 
3   1 O5  A NAG 4   ? ? 1_555 O5  A NAG 6    ? ? 2_654 0.00 
4   1 O   A HOH 993 ? ? 1_555 O   A HOH 1001 ? ? 3_664 0.00 
5   1 HN2 A NAG 4   ? ? 1_555 HN2 A NAG 6    ? ? 2_654 0.00 
6   1 H1  A GCU 1   ? ? 1_555 H1  A GCU 3    ? ? 2_654 0.00 
7   1 O6A A GCU 1   ? ? 1_555 O6A A GCU 3    ? ? 2_654 0.00 
8   1 N2  A NAG 4   ? ? 1_555 N2  A NAG 6    ? ? 2_654 0.00 
9   1 C8  A NAG 2   ? ? 1_555 C8  A NAG 6    ? ? 3_664 0.00 
10  1 C5  A GCU 1   ? ? 1_555 C5  A GCU 5    ? ? 3_664 0.00 
11  1 C1  A GCU 1   ? ? 1_555 C1  A GCU 5    ? ? 3_664 0.00 
12  1 H81 A NAG 4   ? ? 1_555 H81 A NAG 6    ? ? 2_654 0.00 
13  1 H5  A GCU 1   ? ? 1_555 H5  A GCU 5    ? ? 3_664 0.00 
14  1 C7  A NAG 2   ? ? 1_555 C7  A NAG 4    ? ? 2_654 0.00 
15  1 O7  A NAG 2   ? ? 1_555 O7  A NAG 6    ? ? 3_664 0.00 
16  1 NA  A NA  771 ? ? 1_555 NA  A NA  773  ? ? 3_664 0.00 
17  1 H2  A GCU 1   ? ? 1_555 H2  A GCU 5    ? ? 3_664 0.00 
18  1 O3  A NAG 2   ? ? 1_555 O3  A NAG 4    ? ? 2_654 0.00 
19  1 H82 A NAG 4   ? ? 1_555 H82 A NAG 6    ? ? 2_654 0.00 
20  1 H61 A NAG 2   ? ? 1_555 H61 A NAG 6    ? ? 3_664 0.00 
21  1 O7  A NAG 2   ? ? 1_555 O7  A NAG 4    ? ? 2_654 0.00 
22  1 C7  A NAG 4   ? ? 1_555 C7  A NAG 6    ? ? 2_654 0.00 
23  1 C1  A GCU 1   ? ? 1_555 C1  A GCU 3    ? ? 2_654 0.00 
24  1 C4  A GCU 3   ? ? 1_555 C4  A GCU 5    ? ? 2_654 0.00 
25  1 H4  A GCU 3   ? ? 1_555 H4  A GCU 5    ? ? 2_654 0.00 
26  1 H62 A NAG 2   ? ? 1_555 H62 A NAG 6    ? ? 3_664 0.00 
27  1 H1  A GCU 1   ? ? 1_555 H1  A GCU 5    ? ? 3_664 0.00 
28  1 NA  A NA  771 ? ? 1_555 NA  A NA  772  ? ? 2_654 0.00 
29  1 C7  A NAG 2   ? ? 1_555 C7  A NAG 6    ? ? 3_664 0.00 
30  1 H1  A NAG 2   ? ? 1_555 H1  A NAG 6    ? ? 3_664 0.00 
31  1 C1  A GCU 3   ? ? 1_555 C1  A GCU 5    ? ? 2_654 0.00 
32  1 HN2 A NAG 2   ? ? 1_555 HN2 A NAG 4    ? ? 2_654 0.00 
33  1 O   A HOH 997 ? ? 1_555 O   A HOH 1001 ? ? 2_654 0.00 
34  1 C8  A NAG 2   ? ? 1_555 C8  A NAG 4    ? ? 2_654 0.00 
35  1 C1  A NAG 2   ? ? 1_555 C1  A NAG 6    ? ? 3_664 0.00 
36  1 N2  A NAG 2   ? ? 1_555 N2  A NAG 6    ? ? 3_664 0.00 
37  1 H2  A NAG 4   ? ? 1_555 H2  A NAG 6    ? ? 2_654 0.00 
38  1 H1  A GCU 3   ? ? 1_555 H1  A GCU 5    ? ? 2_654 0.00 
39  1 O   A HOH 993 ? ? 1_555 O   A HOH 997  ? ? 2_654 0.00 
40  1 C6  A GCU 1   ? ? 1_555 C6  A GCU 5    ? ? 3_664 0.00 
41  1 O2  A GCU 1   ? ? 1_555 O2  A GCU 5    ? ? 3_664 0.00 
42  1 O7  A NAG 4   ? ? 1_555 O7  A NAG 6    ? ? 2_654 0.00 
43  1 H1  A NAG 2   ? ? 1_555 H1  A NAG 4    ? ? 2_654 0.00 
44  1 C3  A GCU 1   ? ? 1_555 C3  A GCU 5    ? ? 3_664 0.00 
45  1 HN2 A NAG 2   ? ? 1_555 HN2 A NAG 6    ? ? 3_664 0.00 
46  1 H3  A NAG 2   ? ? 1_555 H3  A NAG 6    ? ? 3_664 0.00 
47  1 H5  A NAG 2   ? ? 1_555 H5  A NAG 6    ? ? 3_664 0.00 
48  1 O4  A NAG 2   ? ? 1_555 O4  A NAG 4    ? ? 2_654 0.00 
49  1 O5  A GCU 1   ? ? 1_555 O5  A GCU 5    ? ? 3_664 0.00 
50  1 O6  A NAG 2   ? ? 1_555 O6  A NAG 6    ? ? 3_664 0.00 
51  1 C5  A NAG 2   ? ? 1_555 C5  A NAG 6    ? ? 3_664 0.00 
52  1 C2  A NAG 2   ? ? 1_555 C2  A NAG 6    ? ? 3_664 0.00 
53  1 O4  A NAG 2   ? ? 1_555 O4  A NAG 6    ? ? 3_664 0.00 
54  1 O5  A NAG 2   ? ? 1_555 O5  A NAG 6    ? ? 3_664 0.00 
55  1 H3  A GCU 1   ? ? 1_555 H3  A GCU 3    ? ? 2_654 0.00 
56  1 C2  A GCU 3   ? ? 1_555 C2  A GCU 5    ? ? 2_654 0.00 
57  1 O   A HOH 991 ? ? 1_555 O   A HOH 999  ? ? 3_664 0.00 
58  1 C5  A GCU 1   ? ? 1_555 C5  A GCU 3    ? ? 2_654 0.00 
59  1 C2  A NAG 2   ? ? 1_555 C2  A NAG 4    ? ? 2_654 0.00 
60  1 O6B A GCU 1   ? ? 1_555 O6B A GCU 5    ? ? 3_664 0.00 
61  1 C8  A NAG 4   ? ? 1_555 C8  A NAG 6    ? ? 2_654 0.00 
62  1 N2  A NAG 2   ? ? 1_555 N2  A NAG 4    ? ? 2_654 0.00 
63  1 C6  A NAG 2   ? ? 1_555 C6  A NAG 6    ? ? 3_664 0.00 
64  1 H4  A NAG 2   ? ? 1_555 H4  A NAG 4    ? ? 2_654 0.00 
65  1 O3  A GCU 3   ? ? 1_555 O3  A GCU 5    ? ? 2_654 0.00 
66  1 H5  A NAG 4   ? ? 1_555 H5  A NAG 6    ? ? 2_654 0.00 
67  1 O5  A NAG 2   ? ? 1_555 O5  A NAG 4    ? ? 2_654 0.00 
68  1 O3  A NAG 4   ? ? 1_555 O3  A NAG 6    ? ? 2_654 0.00 
69  1 C3  A NAG 2   ? ? 1_555 C3  A NAG 6    ? ? 3_664 0.00 
70  1 O6A A GCU 1   ? ? 1_555 O6A A GCU 5    ? ? 3_664 0.00 
71  1 H3  A NAG 4   ? ? 1_555 H3  A NAG 6    ? ? 2_654 0.00 
72  1 H4  A NAG 4   ? ? 1_555 H4  A NAG 6    ? ? 2_654 0.00 
73  1 H83 A NAG 2   ? ? 1_555 H83 A NAG 4    ? ? 2_654 0.00 
74  1 C6  A NAG 4   ? ? 1_555 C6  A NAG 6    ? ? 2_654 0.00 
75  1 C3  A NAG 4   ? ? 1_555 C3  A NAG 6    ? ? 2_654 0.00 
76  1 O6A A GCU 3   ? ? 1_555 O6A A GCU 5    ? ? 2_654 0.00 
77  1 O6B A GCU 1   ? ? 1_555 O6B A GCU 3    ? ? 2_654 0.00 
78  1 H83 A NAG 2   ? ? 1_555 H83 A NAG 6    ? ? 3_664 0.00 
79  1 H5  A GCU 1   ? ? 1_555 H5  A GCU 3    ? ? 2_654 0.00 
80  1 C4  A GCU 1   ? ? 1_555 C4  A GCU 3    ? ? 2_654 0.00 
81  1 C5  A GCU 3   ? ? 1_555 C5  A GCU 5    ? ? 2_654 0.00 
82  1 C4  A NAG 2   ? ? 1_555 C4  A NAG 6    ? ? 3_664 0.00 
83  1 NA  A NA  772 ? ? 1_555 NA  A NA  773  ? ? 2_654 0.00 
84  1 H4  A GCU 1   ? ? 1_555 H4  A GCU 5    ? ? 3_664 0.00 
85  1 H3  A GCU 1   ? ? 1_555 H3  A GCU 5    ? ? 3_664 0.00 
86  1 H82 A NAG 2   ? ? 1_555 H82 A NAG 6    ? ? 3_664 0.00 
87  1 H2  A GCU 1   ? ? 1_555 H2  A GCU 3    ? ? 2_654 0.00 
88  1 C3  A GCU 1   ? ? 1_555 C3  A GCU 3    ? ? 2_654 0.00 
89  1 C2  A GCU 1   ? ? 1_555 C2  A GCU 3    ? ? 2_654 0.00 
90  1 H81 A NAG 2   ? ? 1_555 H81 A NAG 6    ? ? 3_664 0.00 
91  1 O5  A GCU 1   ? ? 1_555 O5  A GCU 3    ? ? 2_654 0.00 
92  1 H81 A NAG 2   ? ? 1_555 H81 A NAG 4    ? ? 2_654 0.00 
93  1 C1  A NAG 2   ? ? 1_555 C1  A NAG 4    ? ? 2_654 0.00 
94  1 H61 A NAG 4   ? ? 1_555 H61 A NAG 6    ? ? 2_654 0.00 
95  1 O3  A GCU 1   ? ? 1_555 O3  A GCU 3    ? ? 2_654 0.00 
96  1 H5  A GCU 3   ? ? 1_555 H5  A GCU 5    ? ? 2_654 0.00 
97  1 O3  A NAG 2   ? ? 1_555 O3  A NAG 6    ? ? 3_664 0.00 
98  1 H2  A GCU 3   ? ? 1_555 H2  A GCU 5    ? ? 2_654 0.00 
99  1 O4  A GCU 1   ? ? 1_555 O4  A GCU 5    ? ? 3_664 0.00 
100 1 H82 A NAG 2   ? ? 1_555 H82 A NAG 4    ? ? 2_654 0.00 
101 1 H62 A NAG 4   ? ? 1_555 H62 A NAG 6    ? ? 2_654 0.00 
102 1 H2  A NAG 2   ? ? 1_555 H2  A NAG 4    ? ? 2_654 0.00 
103 1 C2  A GCU 1   ? ? 1_555 C2  A GCU 5    ? ? 3_664 0.00 
104 1 H2  A NAG 2   ? ? 1_555 H2  A NAG 6    ? ? 3_664 0.00 
105 1 H61 A NAG 2   ? ? 1_555 H61 A NAG 4    ? ? 2_654 0.00 
106 1 H83 A NAG 4   ? ? 1_555 H83 A NAG 6    ? ? 2_654 0.00 
107 1 O6  A NAG 4   ? ? 1_555 O6  A NAG 6    ? ? 2_654 0.00 
108 1 H1  A NAG 4   ? ? 1_555 H1  A NAG 6    ? ? 2_654 0.00 
109 1 H62 A NAG 2   ? ? 1_555 H62 A NAG 4    ? ? 2_654 0.00 
110 1 C4  A GCU 1   ? ? 1_555 C4  A GCU 5    ? ? 3_664 0.00 
111 1 H3  A GCU 3   ? ? 1_555 H3  A GCU 5    ? ? 2_654 0.00 
112 1 C3  A NAG 2   ? ? 1_555 C3  A NAG 4    ? ? 2_654 0.00 
113 1 H4  A GCU 1   ? ? 1_555 H4  A GCU 3    ? ? 2_654 0.00 
114 1 O6B A GCU 3   ? ? 1_555 O6B A GCU 5    ? ? 2_654 0.00 
115 1 H5  A NAG 2   ? ? 1_555 H5  A NAG 4    ? ? 2_654 0.00 
116 1 H3  A NAG 2   ? ? 1_555 H3  A NAG 4    ? ? 2_654 0.00 
117 1 C6  A NAG 2   ? ? 1_555 C6  A NAG 4    ? ? 2_654 0.00 
118 1 C1  A NAG 4   ? ? 1_555 C1  A NAG 6    ? ? 2_654 0.00 
119 1 C3  A GCU 3   ? ? 1_555 C3  A GCU 5    ? ? 2_654 0.00 
120 1 O5  A GCU 3   ? ? 1_555 O5  A GCU 5    ? ? 2_654 0.00 
121 1 O6  A NAG 2   ? ? 1_555 O6  A NAG 4    ? ? 2_654 0.00 
122 1 O3  A GCU 1   ? ? 1_555 O3  A GCU 5    ? ? 3_664 0.00 
123 1 C5  A NAG 4   ? ? 1_555 C5  A NAG 6    ? ? 2_654 0.00 
124 1 H4  A NAG 2   ? ? 1_555 H4  A NAG 6    ? ? 3_664 0.00 
125 1 O   A HOH 995 ? ? 1_555 O   A HOH 999  ? ? 2_654 0.00 
126 1 C4  A NAG 2   ? ? 1_555 C4  A NAG 4    ? ? 2_654 0.00 
127 1 O4  A GCU 1   ? ? 1_555 O4  A GCU 3    ? ? 2_654 0.00 
128 1 O2  A GCU 1   ? ? 1_555 O2  A GCU 3    ? ? 2_654 0.00 
129 1 C6  A GCU 1   ? ? 1_555 C6  A GCU 3    ? ? 2_654 0.00 
130 1 C4  A NAG 4   ? ? 1_555 C4  A NAG 6    ? ? 2_654 0.00 
131 1 C5  A NAG 2   ? ? 1_555 C5  A NAG 4    ? ? 2_654 0.00 
132 1 O   A HOH 991 ? ? 1_555 O   A HOH 995  ? ? 2_654 0.00 
133 1 O4  A GCU 3   ? ? 1_555 O4  A GCU 5    ? ? 2_654 0.00 
134 1 O2  A GCU 3   ? ? 1_555 O2  A GCU 5    ? ? 2_654 0.00 
135 1 C6  A GCU 3   ? ? 1_555 C6  A GCU 5    ? ? 2_654 0.00 
136 1 HN2 A NAG 2   ? ? 1_555 N2  A NAG 4    ? ? 2_654 0.95 
137 1 HN2 A NAG 2   ? ? 1_555 N2  A NAG 6    ? ? 3_664 0.95 
138 1 N2  A NAG 4   ? ? 1_555 HN2 A NAG 6    ? ? 2_654 0.95 
139 1 HN2 A NAG 4   ? ? 1_555 N2  A NAG 6    ? ? 2_654 0.95 
140 1 N2  A NAG 2   ? ? 1_555 HN2 A NAG 4    ? ? 2_654 0.95 
141 1 N2  A NAG 2   ? ? 1_555 HN2 A NAG 6    ? ? 3_664 0.95 
142 1 H82 A NAG 4   ? ? 1_555 C8  A NAG 6    ? ? 2_654 1.10 
143 1 C8  A NAG 2   ? ? 1_555 H82 A NAG 4    ? ? 2_654 1.10 
144 1 C8  A NAG 2   ? ? 1_555 H82 A NAG 6    ? ? 3_664 1.10 
145 1 C8  A NAG 4   ? ? 1_555 H82 A NAG 6    ? ? 2_654 1.10 
146 1 H82 A NAG 2   ? ? 1_555 C8  A NAG 6    ? ? 3_664 1.10 
147 1 H82 A NAG 2   ? ? 1_555 C8  A NAG 4    ? ? 2_654 1.10 
148 1 H3  A NAG 2   ? ? 1_555 C3  A NAG 4    ? ? 2_654 1.10 
149 1 C1  A GCU 1   ? ? 1_555 H1  A GCU 3    ? ? 2_654 1.10 
150 1 H1  A GCU 3   ? ? 1_555 C1  A GCU 5    ? ? 2_654 1.10 
151 1 C1  A GCU 1   ? ? 1_555 H1  A GCU 5    ? ? 3_664 1.10 
152 1 C3  A NAG 4   ? ? 1_555 H3  A NAG 6    ? ? 2_654 1.10 
153 1 H1  A GCU 1   ? ? 1_555 C1  A GCU 5    ? ? 3_664 1.10 
154 1 C1  A GCU 3   ? ? 1_555 H1  A GCU 5    ? ? 2_654 1.10 
155 1 H1  A GCU 1   ? ? 1_555 C1  A GCU 3    ? ? 2_654 1.10 
156 1 C5  A GCU 3   ? ? 1_555 H5  A GCU 5    ? ? 2_654 1.10 
157 1 H3  A NAG 2   ? ? 1_555 C3  A NAG 6    ? ? 3_664 1.10 
158 1 C4  A GCU 1   ? ? 1_555 H4  A GCU 3    ? ? 2_654 1.10 
159 1 H5  A GCU 1   ? ? 1_555 C5  A GCU 3    ? ? 2_654 1.10 
160 1 C1  A NAG 4   ? ? 1_555 H1  A NAG 6    ? ? 2_654 1.10 
161 1 C5  A GCU 1   ? ? 1_555 H5  A GCU 5    ? ? 3_664 1.10 
162 1 C3  A NAG 2   ? ? 1_555 H3  A NAG 6    ? ? 3_664 1.10 
163 1 C4  A GCU 1   ? ? 1_555 H4  A GCU 5    ? ? 3_664 1.10 
164 1 H1  A NAG 2   ? ? 1_555 C1  A NAG 4    ? ? 2_654 1.10 
165 1 C6  A NAG 2   ? ? 1_555 H61 A NAG 4    ? ? 2_654 1.10 
166 1 C2  A NAG 2   ? ? 1_555 H2  A NAG 6    ? ? 3_664 1.10 
167 1 C1  A NAG 2   ? ? 1_555 H1  A NAG 6    ? ? 3_664 1.10 
168 1 H5  A GCU 1   ? ? 1_555 C5  A GCU 5    ? ? 3_664 1.10 
169 1 C4  A GCU 3   ? ? 1_555 H4  A GCU 5    ? ? 2_654 1.10 
170 1 C1  A NAG 2   ? ? 1_555 H1  A NAG 4    ? ? 2_654 1.10 
171 1 H3  A NAG 4   ? ? 1_555 C3  A NAG 6    ? ? 2_654 1.10 
172 1 H4  A GCU 3   ? ? 1_555 C4  A GCU 5    ? ? 2_654 1.10 
173 1 C5  A GCU 1   ? ? 1_555 H5  A GCU 3    ? ? 2_654 1.10 
174 1 C4  A NAG 4   ? ? 1_555 H4  A NAG 6    ? ? 2_654 1.10 
175 1 C3  A NAG 2   ? ? 1_555 H3  A NAG 4    ? ? 2_654 1.10 
176 1 C2  A NAG 2   ? ? 1_555 H2  A NAG 4    ? ? 2_654 1.10 
177 1 H61 A NAG 4   ? ? 1_555 C6  A NAG 6    ? ? 2_654 1.10 
178 1 H5  A NAG 2   ? ? 1_555 C5  A NAG 6    ? ? 3_664 1.10 
179 1 H5  A GCU 3   ? ? 1_555 C5  A GCU 5    ? ? 2_654 1.10 
180 1 C6  A NAG 2   ? ? 1_555 H61 A NAG 6    ? ? 3_664 1.10 
181 1 C2  A NAG 4   ? ? 1_555 H2  A NAG 6    ? ? 2_654 1.10 
182 1 H1  A NAG 4   ? ? 1_555 C1  A NAG 6    ? ? 2_654 1.10 
183 1 H5  A NAG 2   ? ? 1_555 C5  A NAG 4    ? ? 2_654 1.10 
184 1 C4  A NAG 2   ? ? 1_555 H4  A NAG 6    ? ? 3_664 1.10 
185 1 H4  A GCU 1   ? ? 1_555 C4  A GCU 3    ? ? 2_654 1.10 
186 1 H1  A NAG 2   ? ? 1_555 C1  A NAG 6    ? ? 3_664 1.10 
187 1 H4  A NAG 4   ? ? 1_555 C4  A NAG 6    ? ? 2_654 1.10 
188 1 C8  A NAG 4   ? ? 1_555 H81 A NAG 6    ? ? 2_654 1.10 
189 1 C5  A NAG 4   ? ? 1_555 H5  A NAG 6    ? ? 2_654 1.10 
190 1 C6  A NAG 2   ? ? 1_555 H62 A NAG 6    ? ? 3_664 1.10 
191 1 H2  A NAG 4   ? ? 1_555 C2  A NAG 6    ? ? 2_654 1.10 
192 1 H62 A NAG 2   ? ? 1_555 C6  A NAG 6    ? ? 3_664 1.10 
193 1 C6  A NAG 2   ? ? 1_555 H62 A NAG 4    ? ? 2_654 1.10 
194 1 H61 A NAG 2   ? ? 1_555 C6  A NAG 6    ? ? 3_664 1.10 
195 1 C6  A NAG 4   ? ? 1_555 H61 A NAG 6    ? ? 2_654 1.10 
196 1 H4  A NAG 2   ? ? 1_555 C4  A NAG 6    ? ? 3_664 1.10 
197 1 H4  A GCU 1   ? ? 1_555 C4  A GCU 5    ? ? 3_664 1.10 
198 1 H62 A NAG 2   ? ? 1_555 C6  A NAG 4    ? ? 2_654 1.10 
199 1 H61 A NAG 2   ? ? 1_555 C6  A NAG 4    ? ? 2_654 1.10 
200 1 H2  A NAG 2   ? ? 1_555 C2  A NAG 6    ? ? 3_664 1.10 
201 1 C5  A NAG 2   ? ? 1_555 H5  A NAG 6    ? ? 3_664 1.10 
202 1 H2  A NAG 2   ? ? 1_555 C2  A NAG 4    ? ? 2_654 1.10 
203 1 H5  A NAG 4   ? ? 1_555 C5  A NAG 6    ? ? 2_654 1.10 
204 1 C4  A NAG 2   ? ? 1_555 H4  A NAG 4    ? ? 2_654 1.10 
205 1 C6  A NAG 4   ? ? 1_555 H62 A NAG 6    ? ? 2_654 1.10 
206 1 H62 A NAG 4   ? ? 1_555 C6  A NAG 6    ? ? 2_654 1.10 
207 1 C8  A NAG 2   ? ? 1_555 H81 A NAG 6    ? ? 3_664 1.10 
208 1 H4  A NAG 2   ? ? 1_555 C4  A NAG 4    ? ? 2_654 1.10 
209 1 H3  A GCU 1   ? ? 1_555 C3  A GCU 5    ? ? 3_664 1.10 
210 1 H81 A NAG 2   ? ? 1_555 C8  A NAG 4    ? ? 2_654 1.10 
211 1 C8  A NAG 2   ? ? 1_555 H81 A NAG 4    ? ? 2_654 1.10 
212 1 C3  A GCU 1   ? ? 1_555 H3  A GCU 5    ? ? 3_664 1.10 
213 1 C2  A GCU 1   ? ? 1_555 H2  A GCU 3    ? ? 2_654 1.10 
214 1 C3  A GCU 3   ? ? 1_555 H3  A GCU 5    ? ? 2_654 1.10 
215 1 H81 A NAG 4   ? ? 1_555 C8  A NAG 6    ? ? 2_654 1.10 
216 1 C8  A NAG 2   ? ? 1_555 H83 A NAG 6    ? ? 3_664 1.10 
217 1 C8  A NAG 4   ? ? 1_555 H83 A NAG 6    ? ? 2_654 1.10 
218 1 H2  A GCU 1   ? ? 1_555 C2  A GCU 3    ? ? 2_654 1.10 
219 1 C5  A NAG 2   ? ? 1_555 H5  A NAG 4    ? ? 2_654 1.10 
220 1 H2  A GCU 3   ? ? 1_555 C2  A GCU 5    ? ? 2_654 1.10 
221 1 H3  A GCU 3   ? ? 1_555 C3  A GCU 5    ? ? 2_654 1.10 
222 1 H83 A NAG 2   ? ? 1_555 C8  A NAG 6    ? ? 3_664 1.10 
223 1 C2  A GCU 3   ? ? 1_555 H2  A GCU 5    ? ? 2_654 1.10 
224 1 H3  A GCU 1   ? ? 1_555 C3  A GCU 3    ? ? 2_654 1.10 
225 1 H83 A NAG 2   ? ? 1_555 C8  A NAG 4    ? ? 2_654 1.10 
226 1 H83 A NAG 4   ? ? 1_555 C8  A NAG 6    ? ? 2_654 1.10 
227 1 H81 A NAG 2   ? ? 1_555 C8  A NAG 6    ? ? 3_664 1.10 
228 1 C8  A NAG 2   ? ? 1_555 H83 A NAG 4    ? ? 2_654 1.10 
229 1 C2  A GCU 1   ? ? 1_555 H2  A GCU 5    ? ? 3_664 1.10 
230 1 H2  A GCU 1   ? ? 1_555 C2  A GCU 5    ? ? 3_664 1.10 
231 1 C3  A GCU 1   ? ? 1_555 H3  A GCU 3    ? ? 2_654 1.10 
232 1 O7  A NAG 4   ? ? 1_555 C7  A NAG 6    ? ? 2_654 1.22 
233 1 O7  A NAG 2   ? ? 1_555 C7  A NAG 6    ? ? 3_664 1.22 
234 1 C7  A NAG 4   ? ? 1_555 O7  A NAG 6    ? ? 2_654 1.22 
235 1 O7  A NAG 2   ? ? 1_555 C7  A NAG 4    ? ? 2_654 1.22 
236 1 C7  A NAG 2   ? ? 1_555 O7  A NAG 4    ? ? 2_654 1.22 
237 1 C7  A NAG 2   ? ? 1_555 O7  A NAG 6    ? ? 3_664 1.22 
238 1 O6A A GCU 1   ? ? 1_555 C6  A GCU 3    ? ? 2_654 1.25 
239 1 O6B A GCU 3   ? ? 1_555 C6  A GCU 5    ? ? 2_654 1.25 
240 1 C6  A GCU 1   ? ? 1_555 O6A A GCU 3    ? ? 2_654 1.25 
241 1 C6  A GCU 3   ? ? 1_555 O6A A GCU 5    ? ? 2_654 1.25 
242 1 C6  A GCU 1   ? ? 1_555 O6B A GCU 3    ? ? 2_654 1.25 
243 1 O6B A GCU 1   ? ? 1_555 C6  A GCU 5    ? ? 3_664 1.25 
244 1 C6  A GCU 1   ? ? 1_555 O6A A GCU 5    ? ? 3_664 1.25 
245 1 O6A A GCU 1   ? ? 1_555 C6  A GCU 5    ? ? 3_664 1.25 
246 1 O6A A GCU 3   ? ? 1_555 C6  A GCU 5    ? ? 2_654 1.25 
247 1 C6  A GCU 1   ? ? 1_555 O6B A GCU 5    ? ? 3_664 1.25 
248 1 O6B A GCU 1   ? ? 1_555 C6  A GCU 3    ? ? 2_654 1.25 
249 1 C6  A GCU 3   ? ? 1_555 O6B A GCU 5    ? ? 2_654 1.25 
250 1 N2  A NAG 2   ? ? 1_555 C7  A NAG 6    ? ? 3_664 1.38 
251 1 N2  A NAG 2   ? ? 1_555 C7  A NAG 4    ? ? 2_654 1.38 
252 1 C7  A NAG 2   ? ? 1_555 N2  A NAG 6    ? ? 3_664 1.38 
253 1 N2  A NAG 4   ? ? 1_555 C7  A NAG 6    ? ? 2_654 1.38 
254 1 C7  A NAG 2   ? ? 1_555 N2  A NAG 4    ? ? 2_654 1.38 
255 1 C7  A NAG 4   ? ? 1_555 N2  A NAG 6    ? ? 2_654 1.38 
256 1 C1  A GCU 3   ? ? 1_555 O3  A NAG 4    ? ? 2_654 1.39 
257 1 O3  A NAG 2   ? ? 1_555 C1  A GCU 5    ? ? 2_654 1.39 
258 1 C1  A GCU 1   ? ? 1_555 O3  A NAG 2    ? ? 2_654 1.39 
259 1 C1  A GCU 1   ? ? 1_555 O3  A NAG 4    ? ? 3_664 1.39 
260 1 O4  A GCU 1   ? ? 1_555 C1  A NAG 4    ? ? 2_654 1.39 
261 1 O4  A GCU 1   ? ? 1_555 C1  A NAG 6    ? ? 3_664 1.39 
262 1 C1  A GCU 3   ? ? 1_555 O3  A NAG 6    ? ? 3_664 1.39 
263 1 C1  A NAG 4   ? ? 1_555 O4  A GCU 5    ? ? 2_654 1.39 
264 1 C1  A NAG 2   ? ? 1_555 O4  A GCU 5    ? ? 3_664 1.39 
265 1 C1  A GCU 5   ? ? 1_555 O3  A NAG 6    ? ? 2_654 1.39 
266 1 C1  A GCU 1   ? ? 1_555 O3  A NAG 6    ? ? 1_554 1.39 
267 1 O4  A GCU 3   ? ? 1_555 C1  A NAG 6    ? ? 2_654 1.39 
268 1 C1  A NAG 2   ? ? 1_555 O4  A GCU 3    ? ? 2_654 1.39 
269 1 C2  A GCU 1   ? ? 1_555 O2  A GCU 5    ? ? 3_664 1.42 
270 1 C2  A GCU 3   ? ? 1_555 O2  A GCU 5    ? ? 2_654 1.42 
271 1 O2  A GCU 1   ? ? 1_555 C2  A GCU 5    ? ? 3_664 1.42 
272 1 O2  A GCU 1   ? ? 1_555 C2  A GCU 3    ? ? 2_654 1.42 
273 1 C2  A GCU 1   ? ? 1_555 O2  A GCU 3    ? ? 2_654 1.42 
274 1 O2  A GCU 3   ? ? 1_555 C2  A GCU 5    ? ? 2_654 1.42 
275 1 O4  A NAG 4   ? ? 1_555 C4  A NAG 6    ? ? 2_654 1.42 
276 1 C4  A NAG 2   ? ? 1_555 O4  A NAG 6    ? ? 3_664 1.42 
277 1 C4  A NAG 2   ? ? 1_555 O4  A NAG 4    ? ? 2_654 1.42 
278 1 O4  A NAG 2   ? ? 1_555 C4  A NAG 6    ? ? 3_664 1.42 
279 1 O4  A GCU 3   ? ? 1_555 C4  A GCU 5    ? ? 2_654 1.42 
280 1 C4  A GCU 1   ? ? 1_555 O4  A GCU 3    ? ? 2_654 1.43 
281 1 O4  A GCU 1   ? ? 1_555 C4  A GCU 5    ? ? 3_664 1.43 
282 1 C4  A NAG 4   ? ? 1_555 O4  A NAG 6    ? ? 2_654 1.43 
283 1 O4  A GCU 1   ? ? 1_555 C4  A GCU 3    ? ? 2_654 1.43 
284 1 C4  A GCU 3   ? ? 1_555 O4  A GCU 5    ? ? 2_654 1.43 
285 1 O4  A NAG 2   ? ? 1_555 C4  A NAG 4    ? ? 2_654 1.43 
286 1 C4  A GCU 1   ? ? 1_555 O4  A GCU 5    ? ? 3_664 1.43 
287 1 O6  A NAG 2   ? ? 1_555 C6  A NAG 6    ? ? 3_664 1.43 
288 1 C6  A NAG 2   ? ? 1_555 O6  A NAG 6    ? ? 3_664 1.43 
289 1 C6  A NAG 4   ? ? 1_555 O6  A NAG 6    ? ? 2_654 1.43 
290 1 O6  A NAG 2   ? ? 1_555 C6  A NAG 4    ? ? 2_654 1.43 
291 1 O3  A NAG 4   ? ? 1_555 C3  A NAG 6    ? ? 2_654 1.43 
292 1 O6  A NAG 4   ? ? 1_555 C6  A NAG 6    ? ? 2_654 1.43 
293 1 O3  A NAG 2   ? ? 1_555 C3  A NAG 6    ? ? 3_664 1.43 
294 1 C3  A NAG 2   ? ? 1_555 O3  A NAG 4    ? ? 2_654 1.43 
295 1 C3  A NAG 2   ? ? 1_555 O3  A NAG 6    ? ? 3_664 1.43 
296 1 C6  A NAG 2   ? ? 1_555 O6  A NAG 4    ? ? 2_654 1.43 
297 1 C3  A NAG 4   ? ? 1_555 O3  A NAG 6    ? ? 2_654 1.43 
298 1 O3  A GCU 1   ? ? 1_555 C3  A GCU 3    ? ? 2_654 1.43 
299 1 O3  A NAG 2   ? ? 1_555 C3  A NAG 4    ? ? 2_654 1.43 
300 1 C3  A GCU 3   ? ? 1_555 O3  A GCU 5    ? ? 2_654 1.43 
301 1 O3  A GCU 1   ? ? 1_555 C3  A GCU 5    ? ? 3_664 1.43 
302 1 C3  A GCU 1   ? ? 1_555 O3  A GCU 5    ? ? 3_664 1.43 
303 1 C3  A GCU 1   ? ? 1_555 O3  A GCU 3    ? ? 2_654 1.43 
304 1 O3  A GCU 3   ? ? 1_555 C3  A GCU 5    ? ? 2_654 1.43 
305 1 O5  A GCU 3   ? ? 1_555 C1  A GCU 5    ? ? 2_654 1.43 
306 1 O5  A NAG 4   ? ? 1_555 C1  A NAG 6    ? ? 2_654 1.43 
307 1 C1  A GCU 1   ? ? 1_555 O5  A GCU 3    ? ? 2_654 1.43 
308 1 C1  A NAG 2   ? ? 1_555 O5  A NAG 4    ? ? 2_654 1.43 
309 1 C1  A NAG 2   ? ? 1_555 O5  A NAG 6    ? ? 3_664 1.43 
310 1 O5  A NAG 2   ? ? 1_555 C1  A NAG 6    ? ? 3_664 1.43 
311 1 O5  A GCU 1   ? ? 1_555 C1  A GCU 5    ? ? 3_664 1.43 
312 1 C1  A GCU 1   ? ? 1_555 O5  A GCU 5    ? ? 3_664 1.43 
313 1 C1  A GCU 3   ? ? 1_555 O5  A GCU 5    ? ? 2_654 1.43 
314 1 O5  A GCU 1   ? ? 1_555 C1  A GCU 3    ? ? 2_654 1.43 
315 1 C1  A NAG 4   ? ? 1_555 O5  A NAG 6    ? ? 2_654 1.43 
316 1 O5  A NAG 2   ? ? 1_555 C1  A NAG 4    ? ? 2_654 1.43 
317 1 C5  A GCU 1   ? ? 1_555 O5  A GCU 5    ? ? 3_664 1.43 
318 1 O5  A GCU 1   ? ? 1_555 C5  A GCU 5    ? ? 3_664 1.43 
319 1 C5  A GCU 3   ? ? 1_555 O5  A GCU 5    ? ? 2_654 1.43 
320 1 C5  A NAG 4   ? ? 1_555 O5  A NAG 6    ? ? 2_654 1.43 
321 1 O5  A GCU 3   ? ? 1_555 C5  A GCU 5    ? ? 2_654 1.44 
322 1 O5  A NAG 2   ? ? 1_555 C5  A NAG 4    ? ? 2_654 1.44 
323 1 C5  A GCU 1   ? ? 1_555 O5  A GCU 3    ? ? 2_654 1.44 
324 1 O5  A GCU 1   ? ? 1_555 C5  A GCU 3    ? ? 2_654 1.44 
325 1 C5  A NAG 2   ? ? 1_555 O5  A NAG 6    ? ? 3_664 1.44 
326 1 C5  A NAG 2   ? ? 1_555 O5  A NAG 4    ? ? 2_654 1.44 
327 1 O5  A NAG 4   ? ? 1_555 C5  A NAG 6    ? ? 2_654 1.44 
328 1 O5  A NAG 2   ? ? 1_555 C5  A NAG 6    ? ? 3_664 1.44 
329 1 N2  A NAG 2   ? ? 1_555 C2  A NAG 4    ? ? 2_654 1.48 
330 1 N2  A NAG 2   ? ? 1_555 C2  A NAG 6    ? ? 3_664 1.48 
331 1 C2  A NAG 4   ? ? 1_555 N2  A NAG 6    ? ? 2_654 1.48 
332 1 N2  A NAG 4   ? ? 1_555 C2  A NAG 6    ? ? 2_654 1.48 
333 1 C2  A NAG 2   ? ? 1_555 N2  A NAG 6    ? ? 3_664 1.48 
334 1 C2  A NAG 2   ? ? 1_555 N2  A NAG 4    ? ? 2_654 1.48 
335 1 C7  A NAG 2   ? ? 1_555 C8  A NAG 6    ? ? 3_664 1.51 
336 1 C7  A NAG 4   ? ? 1_555 C8  A NAG 6    ? ? 2_654 1.51 
337 1 C8  A NAG 2   ? ? 1_555 C7  A NAG 4    ? ? 2_654 1.51 
338 1 C7  A NAG 2   ? ? 1_555 C8  A NAG 4    ? ? 2_654 1.51 
339 1 C8  A NAG 2   ? ? 1_555 C7  A NAG 6    ? ? 3_664 1.51 
340 1 C8  A NAG 4   ? ? 1_555 C7  A NAG 6    ? ? 2_654 1.51 
341 1 C5  A NAG 2   ? ? 1_555 C6  A NAG 4    ? ? 2_654 1.51 
342 1 C6  A NAG 4   ? ? 1_555 C5  A NAG 6    ? ? 2_654 1.51 
343 1 C5  A NAG 2   ? ? 1_555 C6  A NAG 6    ? ? 3_664 1.51 
344 1 C5  A NAG 4   ? ? 1_555 C6  A NAG 6    ? ? 2_654 1.51 
345 1 C6  A NAG 2   ? ? 1_555 C5  A NAG 4    ? ? 2_654 1.51 
346 1 C5  A GCU 3   ? ? 1_555 C6  A GCU 5    ? ? 2_654 1.51 
347 1 C6  A NAG 2   ? ? 1_555 C5  A NAG 6    ? ? 3_664 1.51 
348 1 C5  A GCU 1   ? ? 1_555 C6  A GCU 5    ? ? 3_664 1.51 
349 1 C6  A GCU 1   ? ? 1_555 C5  A GCU 3    ? ? 2_654 1.51 
350 1 C6  A GCU 3   ? ? 1_555 C5  A GCU 5    ? ? 2_654 1.51 
351 1 C5  A GCU 1   ? ? 1_555 C6  A GCU 3    ? ? 2_654 1.51 
352 1 C6  A GCU 1   ? ? 1_555 C5  A GCU 5    ? ? 3_664 1.52 
353 1 C1  A NAG 4   ? ? 1_555 C2  A NAG 6    ? ? 2_654 1.52 
354 1 C2  A NAG 4   ? ? 1_555 C1  A NAG 6    ? ? 2_654 1.52 
355 1 C2  A NAG 2   ? ? 1_555 C1  A NAG 4    ? ? 2_654 1.52 
356 1 C2  A NAG 2   ? ? 1_555 C1  A NAG 6    ? ? 3_664 1.52 
357 1 C1  A NAG 2   ? ? 1_555 C2  A NAG 6    ? ? 3_664 1.52 
358 1 C1  A NAG 2   ? ? 1_555 C2  A NAG 4    ? ? 2_654 1.52 
359 1 C3  A GCU 3   ? ? 1_555 C2  A GCU 5    ? ? 2_654 1.52 
360 1 C3  A GCU 1   ? ? 1_555 C4  A GCU 5    ? ? 3_664 1.52 
361 1 C4  A GCU 3   ? ? 1_555 C3  A GCU 5    ? ? 2_654 1.52 
362 1 C3  A GCU 1   ? ? 1_555 C4  A GCU 3    ? ? 2_654 1.52 
363 1 C3  A GCU 1   ? ? 1_555 C2  A GCU 5    ? ? 3_664 1.52 
364 1 C2  A GCU 1   ? ? 1_555 C3  A GCU 3    ? ? 2_654 1.52 
365 1 C3  A GCU 1   ? ? 1_555 C2  A GCU 3    ? ? 2_654 1.52 
366 1 C2  A NAG 4   ? ? 1_555 C3  A NAG 6    ? ? 2_654 1.52 
367 1 C2  A GCU 1   ? ? 1_555 C3  A GCU 5    ? ? 3_664 1.52 
368 1 C2  A NAG 2   ? ? 1_555 C3  A NAG 6    ? ? 3_664 1.52 
369 1 C3  A NAG 4   ? ? 1_555 C2  A NAG 6    ? ? 2_654 1.52 
370 1 C4  A GCU 1   ? ? 1_555 C3  A GCU 5    ? ? 3_664 1.52 
371 1 C3  A GCU 3   ? ? 1_555 C4  A GCU 5    ? ? 2_654 1.52 
372 1 C2  A NAG 2   ? ? 1_555 C3  A NAG 4    ? ? 2_654 1.52 
373 1 C3  A NAG 2   ? ? 1_555 C2  A NAG 6    ? ? 3_664 1.52 
374 1 C3  A NAG 2   ? ? 1_555 C2  A NAG 4    ? ? 2_654 1.52 
375 1 C2  A GCU 3   ? ? 1_555 C3  A GCU 5    ? ? 2_654 1.52 
376 1 C1  A GCU 3   ? ? 1_555 C2  A GCU 5    ? ? 2_654 1.52 
377 1 C4  A GCU 1   ? ? 1_555 C3  A GCU 3    ? ? 2_654 1.52 
378 1 C1  A GCU 1   ? ? 1_555 C2  A GCU 5    ? ? 3_664 1.52 
379 1 C1  A GCU 1   ? ? 1_555 C2  A GCU 3    ? ? 2_654 1.52 
380 1 C2  A GCU 3   ? ? 1_555 C1  A GCU 5    ? ? 2_654 1.52 
381 1 C2  A GCU 1   ? ? 1_555 C1  A GCU 3    ? ? 2_654 1.52 
382 1 C3  A NAG 2   ? ? 1_555 C4  A NAG 4    ? ? 2_654 1.52 
383 1 C2  A GCU 1   ? ? 1_555 C1  A GCU 5    ? ? 3_664 1.52 
384 1 C3  A NAG 2   ? ? 1_555 C4  A NAG 6    ? ? 3_664 1.52 
385 1 C4  A NAG 2   ? ? 1_555 C3  A NAG 6    ? ? 3_664 1.52 
386 1 C4  A NAG 2   ? ? 1_555 C3  A NAG 4    ? ? 2_654 1.52 
387 1 C4  A NAG 4   ? ? 1_555 C3  A NAG 6    ? ? 2_654 1.52 
388 1 C5  A NAG 2   ? ? 1_555 C4  A NAG 4    ? ? 2_654 1.52 
389 1 C4  A NAG 4   ? ? 1_555 C5  A NAG 6    ? ? 2_654 1.52 
390 1 C3  A NAG 4   ? ? 1_555 C4  A NAG 6    ? ? 2_654 1.52 
391 1 C5  A NAG 2   ? ? 1_555 C4  A NAG 6    ? ? 3_664 1.53 
392 1 C4  A GCU 1   ? ? 1_555 C5  A GCU 5    ? ? 3_664 1.53 
393 1 C4  A NAG 2   ? ? 1_555 C5  A NAG 6    ? ? 3_664 1.53 
394 1 C5  A GCU 1   ? ? 1_555 C4  A GCU 5    ? ? 3_664 1.53 
395 1 C4  A GCU 1   ? ? 1_555 C5  A GCU 3    ? ? 2_654 1.53 
396 1 C4  A GCU 3   ? ? 1_555 C5  A GCU 5    ? ? 2_654 1.53 
397 1 C5  A GCU 1   ? ? 1_555 C4  A GCU 3    ? ? 2_654 1.53 
398 1 C5  A GCU 3   ? ? 1_555 C4  A GCU 5    ? ? 2_654 1.53 
399 1 C5  A NAG 4   ? ? 1_555 C4  A NAG 6    ? ? 2_654 1.53 
400 1 C4  A NAG 2   ? ? 1_555 C5  A NAG 4    ? ? 2_654 1.53 
# 
loop_
_pdbx_validate_chiral.id 
_pdbx_validate_chiral.PDB_model_num 
_pdbx_validate_chiral.auth_atom_id 
_pdbx_validate_chiral.label_alt_id 
_pdbx_validate_chiral.auth_asym_id 
_pdbx_validate_chiral.auth_comp_id 
_pdbx_validate_chiral.auth_seq_id 
_pdbx_validate_chiral.PDB_ins_code 
_pdbx_validate_chiral.details 
_pdbx_validate_chiral.omega 
1 1 C1 ? A GCU 3 ? 'WRONG HAND' . 
2 1 C1 ? A GCU 5 ? 'WRONG HAND' . 
# 
loop_
_pdbx_struct_special_symmetry.id 
_pdbx_struct_special_symmetry.PDB_model_num 
_pdbx_struct_special_symmetry.auth_asym_id 
_pdbx_struct_special_symmetry.auth_comp_id 
_pdbx_struct_special_symmetry.auth_seq_id 
_pdbx_struct_special_symmetry.PDB_ins_code 
_pdbx_struct_special_symmetry.label_asym_id 
_pdbx_struct_special_symmetry.label_comp_id 
_pdbx_struct_special_symmetry.label_seq_id 
1 1 A HOH 992  ? E HOH . 
2 1 A HOH 996  ? E HOH . 
3 1 A HOH 1000 ? E HOH . 
# 
_pdbx_entry_details.entry_id                 1HYA 
_pdbx_entry_details.compound_details         ? 
_pdbx_entry_details.source_details           ? 
_pdbx_entry_details.nonpolymer_details       
;THE GLUCURONIC ACID-GLUCOSAMINE LINKAGE IS BETA(1,3) AND
THE GLUCOSAMINE-GLUCURONIC ACID LINKAGE IS BETA(1,4).
;
_pdbx_entry_details.sequence_details         ? 
_pdbx_entry_details.has_ligand_of_interest   ? 
# 
loop_
_chem_comp_atom.comp_id 
_chem_comp_atom.atom_id 
_chem_comp_atom.type_symbol 
_chem_comp_atom.pdbx_aromatic_flag 
_chem_comp_atom.pdbx_stereo_config 
_chem_comp_atom.pdbx_ordinal 
GCU C1   C  N S 1  
GCU C2   C  N R 2  
GCU C3   C  N S 3  
GCU C4   C  N S 4  
GCU C5   C  N S 5  
GCU C6   C  N N 6  
GCU O1   O  N N 7  
GCU O2   O  N N 8  
GCU O3   O  N N 9  
GCU O4   O  N N 10 
GCU O5   O  N N 11 
GCU O6A  O  N N 12 
GCU O6B  O  N N 13 
GCU H1   H  N N 14 
GCU H2   H  N N 15 
GCU H3   H  N N 16 
GCU H4   H  N N 17 
GCU H5   H  N N 18 
GCU HO1  H  N N 19 
GCU HO2  H  N N 20 
GCU HO3  H  N N 21 
GCU HO4  H  N N 22 
GCU HO6B H  N N 23 
HOH O    O  N N 24 
HOH H1   H  N N 25 
HOH H2   H  N N 26 
NA  NA   NA N N 27 
NAG C1   C  N R 28 
NAG C2   C  N R 29 
NAG C3   C  N R 30 
NAG C4   C  N S 31 
NAG C5   C  N R 32 
NAG C6   C  N N 33 
NAG C7   C  N N 34 
NAG C8   C  N N 35 
NAG N2   N  N N 36 
NAG O1   O  N N 37 
NAG O3   O  N N 38 
NAG O4   O  N N 39 
NAG O5   O  N N 40 
NAG O6   O  N N 41 
NAG O7   O  N N 42 
NAG H1   H  N N 43 
NAG H2   H  N N 44 
NAG H3   H  N N 45 
NAG H4   H  N N 46 
NAG H5   H  N N 47 
NAG H61  H  N N 48 
NAG H62  H  N N 49 
NAG H81  H  N N 50 
NAG H82  H  N N 51 
NAG H83  H  N N 52 
NAG HN2  H  N N 53 
NAG HO1  H  N N 54 
NAG HO3  H  N N 55 
NAG HO4  H  N N 56 
NAG HO6  H  N N 57 
# 
loop_
_chem_comp_bond.comp_id 
_chem_comp_bond.atom_id_1 
_chem_comp_bond.atom_id_2 
_chem_comp_bond.value_order 
_chem_comp_bond.pdbx_aromatic_flag 
_chem_comp_bond.pdbx_stereo_config 
_chem_comp_bond.pdbx_ordinal 
GCU C1  C2   sing N N 1  
GCU C1  O1   sing N N 2  
GCU C1  O5   sing N N 3  
GCU C1  H1   sing N N 4  
GCU C2  C3   sing N N 5  
GCU C2  O2   sing N N 6  
GCU C2  H2   sing N N 7  
GCU C3  C4   sing N N 8  
GCU C3  O3   sing N N 9  
GCU C3  H3   sing N N 10 
GCU C4  C5   sing N N 11 
GCU C4  O4   sing N N 12 
GCU C4  H4   sing N N 13 
GCU C5  C6   sing N N 14 
GCU C5  O5   sing N N 15 
GCU C5  H5   sing N N 16 
GCU C6  O6A  doub N N 17 
GCU C6  O6B  sing N N 18 
GCU O1  HO1  sing N N 19 
GCU O2  HO2  sing N N 20 
GCU O3  HO3  sing N N 21 
GCU O4  HO4  sing N N 22 
GCU O6B HO6B sing N N 23 
HOH O   H1   sing N N 24 
HOH O   H2   sing N N 25 
NAG C1  C2   sing N N 26 
NAG C1  O1   sing N N 27 
NAG C1  O5   sing N N 28 
NAG C1  H1   sing N N 29 
NAG C2  C3   sing N N 30 
NAG C2  N2   sing N N 31 
NAG C2  H2   sing N N 32 
NAG C3  C4   sing N N 33 
NAG C3  O3   sing N N 34 
NAG C3  H3   sing N N 35 
NAG C4  C5   sing N N 36 
NAG C4  O4   sing N N 37 
NAG C4  H4   sing N N 38 
NAG C5  C6   sing N N 39 
NAG C5  O5   sing N N 40 
NAG C5  H5   sing N N 41 
NAG C6  O6   sing N N 42 
NAG C6  H61  sing N N 43 
NAG C6  H62  sing N N 44 
NAG C7  C8   sing N N 45 
NAG C7  N2   sing N N 46 
NAG C7  O7   doub N N 47 
NAG C8  H81  sing N N 48 
NAG C8  H82  sing N N 49 
NAG C8  H83  sing N N 50 
NAG N2  HN2  sing N N 51 
NAG O1  HO1  sing N N 52 
NAG O3  HO3  sing N N 53 
NAG O4  HO4  sing N N 54 
NAG O6  HO6  sing N N 55 
# 
loop_
_pdbx_entity_branch_list.entity_id 
_pdbx_entity_branch_list.comp_id 
_pdbx_entity_branch_list.num 
_pdbx_entity_branch_list.hetero 
1 GCU 1 n 
1 NAG 2 n 
1 GCU 3 n 
1 NAG 4 n 
1 GCU 5 n 
1 NAG 6 n 
# 
_atom_sites.entry_id                    1HYA 
_atom_sites.fract_transf_matrix[1][1]   0.07612162 
_atom_sites.fract_transf_matrix[1][2]   0.05377123 
_atom_sites.fract_transf_matrix[1][3]   -0.03247003 
_atom_sites.fract_transf_matrix[2][1]   0.07343709 
_atom_sites.fract_transf_matrix[2][2]   -0.04337619 
_atom_sites.fract_transf_matrix[2][3]   -0.04965492 
_atom_sites.fract_transf_matrix[3][1]   -0.01696509 
_atom_sites.fract_transf_matrix[3][2]   0.00580408 
_atom_sites.fract_transf_matrix[3][3]   -0.03016067 
_atom_sites.fract_transf_vector[1]      0.670871 
_atom_sites.fract_transf_vector[2]      0.346921 
_atom_sites.fract_transf_vector[3]      0.481952 
# 
loop_
_atom_type.symbol 
C  
H  
N  
NA 
O  
# 
loop_
_atom_site.group_PDB 
_atom_site.id 
_atom_site.type_symbol 
_atom_site.label_atom_id 
_atom_site.label_alt_id 
_atom_site.label_comp_id 
_atom_site.label_asym_id 
_atom_site.label_entity_id 
_atom_site.label_seq_id 
_atom_site.pdbx_PDB_ins_code 
_atom_site.Cartn_x 
_atom_site.Cartn_y 
_atom_site.Cartn_z 
_atom_site.occupancy 
_atom_site.B_iso_or_equiv 
_atom_site.pdbx_formal_charge 
_atom_site.auth_seq_id 
_atom_site.auth_comp_id 
_atom_site.auth_asym_id 
_atom_site.auth_atom_id 
_atom_site.pdbx_PDB_model_num 
HETATM 1   C  C1  . GCU A 1 . ? 7.496  -1.047 11.814  1.00 0.00 ? 1    GCU A C1  1 
HETATM 2   C  C2  . GCU A 1 . ? 7.461  0.341  11.185  1.00 0.00 ? 1    GCU A C2  1 
HETATM 3   C  C3  . GCU A 1 . ? 6.087  0.623  10.593  1.00 0.00 ? 1    GCU A C3  1 
HETATM 4   C  C4  . GCU A 1 . ? 5.681  -0.494 9.642   1.00 0.00 ? 1    GCU A C4  1 
HETATM 5   C  C5  . GCU A 1 . ? 5.813  -1.847 10.335  1.00 0.00 ? 1    GCU A C5  1 
HETATM 6   C  C6  . GCU A 1 . ? 5.532  -3.009 9.403   1.00 0.00 ? 1    GCU A C6  1 
HETATM 7   O  O2  . GCU A 1 . ? 7.796  1.312  12.168  1.00 0.00 ? 1    GCU A O2  1 
HETATM 8   O  O3  . GCU A 1 . ? 6.115  1.867  9.892   1.00 0.00 ? 1    GCU A O3  1 
HETATM 9   O  O4  . GCU A 1 . ? 4.327  -0.326 9.229   1.00 0.00 ? 1    GCU A O4  1 
HETATM 10  O  O5  . GCU A 1 . ? 7.150  -2.022 10.826  1.00 0.00 ? 1    GCU A O5  1 
HETATM 11  O  O6A . GCU A 1 . ? 4.736  -3.861 9.850   1.00 0.00 ? 1    GCU A O6A 1 
HETATM 12  O  O6B . GCU A 1 . ? 6.133  -2.965 8.308   1.00 0.00 ? 1    GCU A O6B 1 
HETATM 13  H  H1  . GCU A 1 . ? 6.775  -1.092 12.641  1.00 0.00 ? 1    GCU A H1  1 
HETATM 14  H  H2  . GCU A 1 . ? 8.221  0.405  10.392  1.00 0.00 ? 1    GCU A H2  1 
HETATM 15  H  H3  . GCU A 1 . ? 5.348  0.702  11.405  1.00 0.00 ? 1    GCU A H3  1 
HETATM 16  H  H4  . GCU A 1 . ? 6.327  -0.471 8.753   1.00 0.00 ? 1    GCU A H4  1 
HETATM 17  H  H5  . GCU A 1 . ? 5.103  -1.903 11.171  1.00 0.00 ? 1    GCU A H5  1 
HETATM 18  C  C1  . NAG A 1 . ? 4.127  0.167  7.944   1.00 0.00 ? 2    NAG A C1  1 
HETATM 19  C  C2  . NAG A 1 . ? 2.722  -0.213 7.498   1.00 0.00 ? 2    NAG A C2  1 
HETATM 20  C  C3  . NAG A 1 . ? 2.400  0.425  6.154   1.00 0.00 ? 2    NAG A C3  1 
HETATM 21  C  C4  . NAG A 1 . ? 2.643  1.928  6.210   1.00 0.00 ? 2    NAG A C4  1 
HETATM 22  C  C5  . NAG A 1 . ? 4.046  2.214  6.735   1.00 0.00 ? 2    NAG A C5  1 
HETATM 23  C  C6  . NAG A 1 . ? 4.311  3.693  6.924   1.00 0.00 ? 2    NAG A C6  1 
HETATM 24  C  C7  . NAG A 1 . ? 1.433  -2.291 7.793   1.00 0.00 ? 2    NAG A C7  1 
HETATM 25  C  C8  . NAG A 1 . ? 1.466  -3.795 7.661   1.00 0.00 ? 2    NAG A C8  1 
HETATM 26  N  N2  . NAG A 1 . ? 2.614  -1.686 7.417   1.00 0.00 ? 2    NAG A N2  1 
HETATM 27  O  O3  . NAG A 1 . ? 1.035  0.171  5.818   1.00 0.00 ? 2    NAG A O3  1 
HETATM 28  O  O4  . NAG A 1 . ? 2.518  2.502  4.912   1.00 0.00 ? 2    NAG A O4  1 
HETATM 29  O  O5  . NAG A 1 . ? 4.233  1.591  8.016   1.00 0.00 ? 2    NAG A O5  1 
HETATM 30  O  O6  . NAG A 1 . ? 3.164  4.374  7.432   1.00 0.00 ? 2    NAG A O6  1 
HETATM 31  O  O7  . NAG A 1 . ? 0.458  -1.674 8.192   1.00 0.00 ? 2    NAG A O7  1 
HETATM 32  H  H1  . NAG A 1 . ? 4.860  -0.220 7.222   1.00 0.00 ? 2    NAG A H1  1 
HETATM 33  H  H2  . NAG A 1 . ? 1.992  0.125  8.248   1.00 0.00 ? 2    NAG A H2  1 
HETATM 34  H  H3  . NAG A 1 . ? 3.035  -0.021 5.376   1.00 0.00 ? 2    NAG A H3  1 
HETATM 35  H  H4  . NAG A 1 . ? 1.901  2.395  6.876   1.00 0.00 ? 2    NAG A H4  1 
HETATM 36  H  H5  . NAG A 1 . ? 4.790  1.826  6.024   1.00 0.00 ? 2    NAG A H5  1 
HETATM 37  H  H61 . NAG A 1 . ? 4.580  4.143  5.958   1.00 0.00 ? 2    NAG A H61 1 
HETATM 38  H  H62 . NAG A 1 . ? 5.138  3.830  7.636   1.00 0.00 ? 2    NAG A H62 1 
HETATM 39  H  H81 . NAG A 1 . ? 0.516  -4.216 8.025   1.00 0.00 ? 2    NAG A H81 1 
HETATM 40  H  H82 . NAG A 1 . ? 1.607  -4.068 6.607   1.00 0.00 ? 2    NAG A H82 1 
HETATM 41  H  H83 . NAG A 1 . ? 2.297  -4.198 8.259   1.00 0.00 ? 2    NAG A H83 1 
HETATM 42  H  HN2 . NAG A 1 . ? 3.353  -2.201 7.112   1.00 0.00 ? 2    NAG A HN2 1 
HETATM 43  C  C1  . GCU A 1 . ? 0.806  -0.509 4.629   1.00 0.00 ? 3    GCU A C1  1 
HETATM 44  C  C2  . GCU A 1 . ? -0.689 -0.770 4.504   1.00 0.00 ? 3    GCU A C2  1 
HETATM 45  C  C3  . GCU A 1 . ? -1.014 -1.384 3.149   1.00 0.00 ? 3    GCU A C3  1 
HETATM 46  C  C4  . GCU A 1 . ? -0.443 -0.524 2.029   1.00 0.00 ? 3    GCU A C4  1 
HETATM 47  C  C5  . GCU A 1 . ? 1.039  -0.258 2.274   1.00 0.00 ? 3    GCU A C5  1 
HETATM 48  C  C6  . GCU A 1 . ? 1.639  0.689  1.254   1.00 0.00 ? 3    GCU A C6  1 
HETATM 49  O  O2  . GCU A 1 . ? -1.107 -1.628 5.559   1.00 0.00 ? 3    GCU A O2  1 
HETATM 50  O  O3  . GCU A 1 . ? -2.430 -1.494 2.999   1.00 0.00 ? 3    GCU A O3  1 
HETATM 51  O  O4  . GCU A 1 . ? -0.584 -1.185 0.775   1.00 0.00 ? 3    GCU A O4  1 
HETATM 52  O  O5  . GCU A 1 . ? 1.226  0.346  3.562   1.00 0.00 ? 3    GCU A O5  1 
HETATM 53  O  O6A . GCU A 1 . ? 2.709  0.300  0.739   1.00 0.00 ? 3    GCU A O6A 1 
HETATM 54  O  O6B . GCU A 1 . ? 0.984  1.735  1.057   1.00 0.00 ? 3    GCU A O6B 1 
HETATM 55  H  H1  . GCU A 1 . ? 1.350  -1.462 4.570   1.00 0.00 ? 3    GCU A H1  1 
HETATM 56  H  H2  . GCU A 1 . ? -1.239 0.176  4.617   1.00 0.00 ? 3    GCU A H2  1 
HETATM 57  H  H3  . GCU A 1 . ? -0.581 -2.395 3.092   1.00 0.00 ? 3    GCU A H3  1 
HETATM 58  H  H4  . GCU A 1 . ? -0.986 0.430  1.988   1.00 0.00 ? 3    GCU A H4  1 
HETATM 59  H  H5  . GCU A 1 . ? 1.596  -1.204 2.226   1.00 0.00 ? 3    GCU A H5  1 
HETATM 60  C  C1  . NAG A 1 . ? -1.597 -0.724 -0.059  1.00 0.00 ? 4    NAG A C1  1 
HETATM 61  C  C2  . NAG A 1 . ? -1.274 -1.144 -1.486  1.00 0.00 ? 4    NAG A C2  1 
HETATM 62  C  C3  . NAG A 1 . ? -2.422 -0.789 -2.420  1.00 0.00 ? 4    NAG A C3  1 
HETATM 63  C  C4  . NAG A 1 . ? -3.731 -1.363 -1.889  1.00 0.00 ? 4    NAG A C4  1 
HETATM 64  C  C5  . NAG A 1 . ? -3.935 -0.950 -0.435  1.00 0.00 ? 4    NAG A C5  1 
HETATM 65  C  C6  . NAG A 1 . ? -5.162 -1.583 0.185   1.00 0.00 ? 4    NAG A C6  1 
HETATM 66  C  C7  . NAG A 1 . ? 0.857  -1.184 -2.722  1.00 0.00 ? 4    NAG A C7  1 
HETATM 67  C  C8  . NAG A 1 . ? 2.089  -0.389 -3.086  1.00 0.00 ? 4    NAG A C8  1 
HETATM 68  N  N2  . NAG A 1 . ? -0.023 -0.484 -1.920  1.00 0.00 ? 4    NAG A N2  1 
HETATM 69  O  O3  . NAG A 1 . ? -2.161 -1.313 -3.722  1.00 0.00 ? 4    NAG A O3  1 
HETATM 70  O  O4  . NAG A 1 . ? -4.832 -0.885 -2.658  1.00 0.00 ? 4    NAG A O4  1 
HETATM 71  O  O5  . NAG A 1 . ? -2.810 -1.356 0.358   1.00 0.00 ? 4    NAG A O5  1 
HETATM 72  O  O6  . NAG A 1 . ? -5.336 -2.933 -0.245  1.00 0.00 ? 4    NAG A O6  1 
HETATM 73  O  O7  . NAG A 1 . ? 0.660  -2.327 -3.100  1.00 0.00 ? 4    NAG A O7  1 
HETATM 74  H  H1  . NAG A 1 . ? -1.719 0.368  -0.016  1.00 0.00 ? 4    NAG A H1  1 
HETATM 75  H  H2  . NAG A 1 . ? -1.097 -2.230 -1.519  1.00 0.00 ? 4    NAG A H2  1 
HETATM 76  H  H3  . NAG A 1 . ? -2.506 0.304  -2.497  1.00 0.00 ? 4    NAG A H3  1 
HETATM 77  H  H4  . NAG A 1 . ? -3.705 -2.461 -1.957  1.00 0.00 ? 4    NAG A H4  1 
HETATM 78  H  H5  . NAG A 1 . ? -4.053 0.143  -0.378  1.00 0.00 ? 4    NAG A H5  1 
HETATM 79  H  H61 . NAG A 1 . ? -6.055 -1.011 -0.104  1.00 0.00 ? 4    NAG A H61 1 
HETATM 80  H  H62 . NAG A 1 . ? -5.064 -1.580 1.281   1.00 0.00 ? 4    NAG A H62 1 
HETATM 81  H  H81 . NAG A 1 . ? 2.769  -1.018 -3.679  1.00 0.00 ? 4    NAG A H81 1 
HETATM 82  H  H82 . NAG A 1 . ? 1.798  0.490  -3.674  1.00 0.00 ? 4    NAG A H82 1 
HETATM 83  H  H83 . NAG A 1 . ? 2.600  -0.063 -2.167  1.00 0.00 ? 4    NAG A H83 1 
HETATM 84  H  HN2 . NAG A 1 . ? 0.165  0.405  -1.645  1.00 0.00 ? 4    NAG A HN2 1 
HETATM 85  C  C1  . GCU A 1 . ? -2.110 -0.392 -4.761  1.00 0.00 ? 5    GCU A C1  1 
HETATM 86  C  C2  . GCU A 1 . ? -1.720 -1.127 -6.037  1.00 0.00 ? 5    GCU A C2  1 
HETATM 87  C  C3  . GCU A 1 . ? -1.792 -0.191 -7.236  1.00 0.00 ? 5    GCU A C3  1 
HETATM 88  C  C4  . GCU A 1 . ? -3.158 0.478  -7.303  1.00 0.00 ? 5    GCU A C4  1 
HETATM 89  C  C5  . GCU A 1 . ? -3.492 1.126  -5.963  1.00 0.00 ? 5    GCU A C5  1 
HETATM 90  C  C6  . GCU A 1 . ? -4.889 1.710  -5.930  1.00 0.00 ? 5    GCU A C6  1 
HETATM 91  O  O2  . GCU A 1 . ? -0.411 -1.661 -5.892  1.00 0.00 ? 5    GCU A O2  1 
HETATM 92  O  O3  . GCU A 1 . ? -1.556 -0.930 -8.435  1.00 0.00 ? 5    GCU A O3  1 
HETATM 93  O  O4  . GCU A 1 . ? -3.169 1.486  -8.310  1.00 0.00 ? 5    GCU A O4  1 
HETATM 94  O  O5  . GCU A 1 . ? -3.424 0.152  -4.912  1.00 0.00 ? 5    GCU A O5  1 
HETATM 95  O  O6A . GCU A 1 . ? -4.961 2.883  -5.502  1.00 0.00 ? 5    GCU A O6A 1 
HETATM 96  O  O6B . GCU A 1 . ? -5.791 0.945  -6.336  1.00 0.00 ? 5    GCU A O6B 1 
HETATM 97  H  H1  . GCU A 1 . ? -1.396 0.422  -4.575  1.00 0.00 ? 5    GCU A H1  1 
HETATM 98  H  H2  . GCU A 1 . ? -2.402 -1.977 -6.195  1.00 0.00 ? 5    GCU A H2  1 
HETATM 99  H  H3  . GCU A 1 . ? -1.010 0.578  -7.146  1.00 0.00 ? 5    GCU A H3  1 
HETATM 100 H  H4  . GCU A 1 . ? -3.922 -0.274 -7.548  1.00 0.00 ? 5    GCU A H4  1 
HETATM 101 H  H5  . GCU A 1 . ? -2.780 1.938  -5.760  1.00 0.00 ? 5    GCU A H5  1 
HETATM 102 C  C1  . NAG A 1 . ? -3.815 1.169  -9.499  1.00 0.00 ? 6    NAG A C1  1 
HETATM 103 C  C2  . NAG A 1 . ? -4.185 2.465  -10.205 1.00 0.00 ? 6    NAG A C2  1 
HETATM 104 C  C3  . NAG A 1 . ? -4.769 2.175  -11.581 1.00 0.00 ? 6    NAG A C3  1 
HETATM 105 C  C4  . NAG A 1 . ? -3.823 1.286  -12.381 1.00 0.00 ? 6    NAG A C4  1 
HETATM 106 C  C5  . NAG A 1 . ? -3.452 0.050  -11.567 1.00 0.00 ? 6    NAG A C5  1 
HETATM 107 C  C6  . NAG A 1 . ? -2.423 -0.818 -12.260 1.00 0.00 ? 6    NAG A C6  1 
HETATM 108 C  C7  . NAG A 1 . ? -5.063 4.594  -9.332  1.00 0.00 ? 6    NAG A C7  1 
HETATM 109 C  C8  . NAG A 1 . ? -6.109 5.229  -8.446  1.00 0.00 ? 6    NAG A C8  1 
HETATM 110 N  N2  . NAG A 1 . ? -5.151 3.218  -9.375  1.00 0.00 ? 6    NAG A N2  1 
HETATM 111 O  O3  . NAG A 1 . ? -4.980 3.402  -12.280 1.00 0.00 ? 6    NAG A O3  1 
HETATM 112 O  O4  . NAG A 1 . ? -4.442 0.865  -13.593 1.00 0.00 ? 6    NAG A O4  1 
HETATM 113 O  O5  . NAG A 1 . ? -2.888 0.437  -10.305 1.00 0.00 ? 6    NAG A O5  1 
HETATM 114 O  O6  . NAG A 1 . ? -1.437 -0.036 -12.932 1.00 0.00 ? 6    NAG A O6  1 
HETATM 115 O  O7  . NAG A 1 . ? -4.227 5.236  -9.947  1.00 0.00 ? 6    NAG A O7  1 
HETATM 116 H  H1  . NAG A 1 . ? -4.720 0.564  -9.342  1.00 0.00 ? 6    NAG A H1  1 
HETATM 117 H  H2  . NAG A 1 . ? -3.290 3.094  -10.313 1.00 0.00 ? 6    NAG A H2  1 
HETATM 118 H  H3  . NAG A 1 . ? -5.739 1.670  -11.468 1.00 0.00 ? 6    NAG A H3  1 
HETATM 119 H  H4  . NAG A 1 . ? -2.911 1.849  -12.626 1.00 0.00 ? 6    NAG A H4  1 
HETATM 120 H  H5  . NAG A 1 . ? -4.351 -0.561 -11.398 1.00 0.00 ? 6    NAG A H5  1 
HETATM 121 H  H61 . NAG A 1 . ? -2.923 -1.456 -13.003 1.00 0.00 ? 6    NAG A H61 1 
HETATM 122 H  H62 . NAG A 1 . ? -1.915 -1.450 -11.517 1.00 0.00 ? 6    NAG A H62 1 
HETATM 123 H  H81 . NAG A 1 . ? -5.951 6.317  -8.415  1.00 0.00 ? 6    NAG A H81 1 
HETATM 124 H  H82 . NAG A 1 . ? -7.108 5.016  -8.846  1.00 0.00 ? 6    NAG A H82 1 
HETATM 125 H  H83 . NAG A 1 . ? -6.026 4.818  -7.428  1.00 0.00 ? 6    NAG A H83 1 
HETATM 126 H  HN2 . NAG A 1 . ? -5.817 2.753  -8.881  1.00 0.00 ? 6    NAG A HN2 1 
HETATM 127 NA NA  . NA  B 2 . ? 3.047  -3.700 11.697  1.00 0.00 ? 771  NA  A NA  1 
HETATM 128 NA NA  . NA  C 2 . ? 3.708  -1.995 0.601   1.00 0.00 ? 772  NA  A NA  1 
HETATM 129 NA NA  . NA  D 2 . ? -3.192 4.647  -5.292  1.00 0.00 ? 773  NA  A NA  1 
HETATM 130 O  O   . HOH E 3 . ? 4.185  -2.813 5.226   1.00 0.00 ? 991  HOH A O   1 
HETATM 131 O  O   . HOH E 3 . ? 4.932  -5.615 12.125  0.5  0.00 ? 992  HOH A O   1 
HETATM 132 O  O   . HOH E 3 . ? 7.515  3.507  13.753  1.00 0.00 ? 993  HOH A O   1 
HETATM 133 O  O   . HOH E 3 . ? 3.124  -3.691 -4.746  1.00 0.00 ? 994  HOH A O   1 
HETATM 134 O  O   . HOH E 3 . ? -0.335 2.398  -2.280  1.00 0.00 ? 995  HOH A O   1 
HETATM 135 O  O   . HOH E 3 . ? 5.288  -0.209 1.913   0.5  0.00 ? 996  HOH A O   1 
HETATM 136 O  O   . HOH E 3 . ? -2.202 -3.813 6.759   1.00 0.00 ? 997  HOH A O   1 
HETATM 137 O  O   . HOH E 3 . ? 3.124  -3.691 -4.746  1.00 0.00 ? 998  HOH A O   1 
HETATM 138 O  O   . HOH E 3 . ? -7.769 1.927  -9.242  1.00 0.00 ? 999  HOH A O   1 
HETATM 139 O  O   . HOH E 3 . ? -4.342 3.985  -2.916  0.5  0.00 ? 1000 HOH A O   1 
HETATM 140 O  O   . HOH E 3 . ? 2.218  -2.100 -6.450  1.00 0.00 ? 1001 HOH A O   1 
HETATM 141 O  O   . HOH E 3 . ? 3.124  -3.690 -4.746  1.00 0.00 ? 1002 HOH A O   1 
# 
